data_7WXZ
#
_entry.id   7WXZ
#
_cell.length_a   65.160
_cell.length_b   51.730
_cell.length_c   119.160
_cell.angle_alpha   90.000
_cell.angle_beta   95.330
_cell.angle_gamma   90.000
#
_symmetry.space_group_name_H-M   'P 1 21 1'
#
loop_
_entity.id
_entity.type
_entity.pdbx_description
1 polymer "Spike protein S2'"
2 water water
#
_entity_poly.entity_id   1
_entity_poly.type   'polypeptide(L)'
_entity_poly.pdbx_seq_one_letter_code
;TQNVLYENQKLIANQFNSAIGKIQDSLSSTASALGKLQDVVNQNAQALNTLVKQLSSNFGAISSVLNDILSRLDKVEGGS
GGDVDLGDISGINASVVNIQKEIDRLNEVAKNLNESLIDLQELGKYSGGRGGTQNVLYENQKLIANQFNSAIGKIQDSLS
STASALGKLQDVVNQNAQALNTLVKQLSSNFGAISSVLNDILSRLDKVE
;
_entity_poly.pdbx_strand_id   A,B,C,D
#
# COMPACT_ATOMS: atom_id res chain seq x y z
N THR A 1 -15.13 -52.25 -14.23
CA THR A 1 -16.27 -52.88 -13.51
C THR A 1 -16.63 -52.09 -12.24
N GLN A 2 -17.89 -52.19 -11.85
CA GLN A 2 -18.51 -51.45 -10.71
C GLN A 2 -17.59 -51.30 -9.48
N ASN A 3 -16.93 -52.36 -8.98
CA ASN A 3 -16.25 -52.08 -7.69
C ASN A 3 -15.07 -51.15 -7.91
N VAL A 4 -14.40 -51.37 -9.05
CA VAL A 4 -13.22 -50.58 -9.46
C VAL A 4 -13.73 -49.15 -9.62
N LEU A 5 -14.93 -48.98 -10.14
CA LEU A 5 -15.36 -47.58 -10.27
C LEU A 5 -15.60 -46.91 -8.92
N TYR A 6 -16.04 -47.65 -7.91
CA TYR A 6 -16.25 -46.94 -6.64
C TYR A 6 -14.94 -46.77 -5.86
N GLU A 7 -14.14 -47.83 -5.83
CA GLU A 7 -12.87 -47.95 -5.09
C GLU A 7 -11.96 -46.85 -5.60
N ASN A 8 -12.05 -46.53 -6.88
CA ASN A 8 -11.26 -45.43 -7.44
C ASN A 8 -11.68 -44.14 -6.75
N GLN A 9 -12.98 -43.88 -6.73
CA GLN A 9 -13.54 -42.68 -6.07
C GLN A 9 -12.98 -42.59 -4.66
N LYS A 10 -12.88 -43.71 -3.95
CA LYS A 10 -12.31 -43.73 -2.60
C LYS A 10 -10.83 -43.31 -2.67
N LEU A 11 -10.11 -43.71 -3.71
CA LEU A 11 -8.68 -43.32 -3.75
C LEU A 11 -8.62 -41.84 -4.05
N ILE A 12 -9.42 -41.40 -5.01
CA ILE A 12 -9.40 -39.97 -5.34
C ILE A 12 -9.82 -39.22 -4.09
N ALA A 13 -10.83 -39.70 -3.40
CA ALA A 13 -11.25 -38.98 -2.19
C ALA A 13 -10.16 -39.04 -1.14
N ASN A 14 -9.67 -40.22 -0.79
CA ASN A 14 -8.66 -40.28 0.31
C ASN A 14 -7.44 -39.42 -0.01
N GLN A 15 -6.94 -39.49 -1.24
CA GLN A 15 -5.72 -38.73 -1.59
C GLN A 15 -6.03 -37.24 -1.48
N PHE A 16 -7.10 -36.80 -2.14
CA PHE A 16 -7.48 -35.37 -2.16
C PHE A 16 -7.58 -34.82 -0.74
N ASN A 17 -8.24 -35.55 0.15
CA ASN A 17 -8.39 -35.08 1.55
C ASN A 17 -7.01 -34.93 2.18
N SER A 18 -6.09 -35.86 1.94
CA SER A 18 -4.73 -35.75 2.52
C SER A 18 -4.11 -34.43 2.07
N ALA A 19 -4.19 -34.12 0.78
CA ALA A 19 -3.59 -32.86 0.28
C ALA A 19 -4.23 -31.64 0.95
N ILE A 20 -5.55 -31.65 1.11
CA ILE A 20 -6.23 -30.45 1.71
C ILE A 20 -5.65 -30.18 3.09
N GLY A 21 -5.67 -31.18 3.97
CA GLY A 21 -5.14 -31.02 5.34
C GLY A 21 -3.74 -30.45 5.36
N LYS A 22 -2.86 -30.95 4.50
CA LYS A 22 -1.48 -30.45 4.38
C LYS A 22 -1.50 -29.01 3.90
N ILE A 23 -2.27 -28.74 2.84
CA ILE A 23 -2.32 -27.34 2.32
C ILE A 23 -2.85 -26.41 3.39
N GLN A 24 -3.79 -26.87 4.21
CA GLN A 24 -4.35 -25.99 5.26
C GLN A 24 -3.22 -25.61 6.21
N ASP A 25 -2.39 -26.59 6.60
CA ASP A 25 -1.29 -26.27 7.54
C ASP A 25 -0.36 -25.25 6.89
N SER A 26 -0.04 -25.43 5.60
CA SER A 26 0.88 -24.47 4.97
C SER A 26 0.26 -23.07 4.98
N LEU A 27 -1.04 -22.97 4.69
CA LEU A 27 -1.69 -21.64 4.68
C LEU A 27 -1.60 -21.01 6.06
N SER A 28 -1.82 -21.81 7.11
CA SER A 28 -1.73 -21.21 8.46
C SER A 28 -0.30 -20.75 8.72
N SER A 29 0.69 -21.54 8.30
CA SER A 29 2.11 -21.19 8.53
C SER A 29 2.46 -19.92 7.75
N THR A 30 1.96 -19.79 6.54
CA THR A 30 2.22 -18.56 5.79
C THR A 30 1.61 -17.36 6.48
N ALA A 31 0.36 -17.50 6.99
CA ALA A 31 -0.26 -16.40 7.71
C ALA A 31 0.52 -16.03 8.97
N SER A 32 1.01 -17.02 9.70
CA SER A 32 1.75 -16.74 10.93
C SER A 32 3.05 -15.99 10.63
N ALA A 33 3.81 -16.46 9.63
CA ALA A 33 5.06 -15.82 9.27
C ALA A 33 4.82 -14.41 8.74
N LEU A 34 3.73 -14.21 8.00
CA LEU A 34 3.44 -12.89 7.47
C LEU A 34 3.12 -11.91 8.60
N GLY A 35 2.38 -12.37 9.60
CA GLY A 35 2.06 -11.51 10.73
C GLY A 35 3.28 -11.15 11.56
N LYS A 36 4.19 -12.10 11.72
CA LYS A 36 5.42 -11.84 12.47
C LYS A 36 6.31 -10.85 11.73
N LEU A 37 6.40 -10.97 10.38
CA LEU A 37 7.19 -10.02 9.61
C LEU A 37 6.58 -8.63 9.70
N GLN A 38 5.26 -8.54 9.54
CA GLN A 38 4.59 -7.25 9.66
C GLN A 38 4.92 -6.58 10.99
N ASP A 39 4.94 -7.35 12.08
CA ASP A 39 5.19 -6.73 13.37
C ASP A 39 6.60 -6.18 13.48
N VAL A 40 7.61 -6.98 13.14
CA VAL A 40 8.97 -6.50 13.35
C VAL A 40 9.30 -5.39 12.37
N VAL A 41 8.74 -5.45 11.15
CA VAL A 41 9.01 -4.38 10.18
C VAL A 41 8.49 -3.05 10.72
N ASN A 42 7.27 -3.04 11.24
CA ASN A 42 6.66 -1.83 11.77
C ASN A 42 7.31 -1.41 13.07
N GLN A 43 7.74 -2.36 13.90
CA GLN A 43 8.47 -1.99 15.10
C GLN A 43 9.80 -1.29 14.74
N ASN A 44 10.55 -1.92 13.83
CA ASN A 44 11.79 -1.33 13.34
C ASN A 44 11.56 0.01 12.68
N ALA A 45 10.42 0.19 12.02
CA ALA A 45 10.15 1.51 11.44
C ALA A 45 10.02 2.55 12.54
N GLN A 46 9.40 2.17 13.66
CA GLN A 46 9.23 3.09 14.78
C GLN A 46 10.56 3.30 15.51
N ALA A 47 11.43 2.30 15.60
CA ALA A 47 12.74 2.53 16.19
C ALA A 47 13.52 3.56 15.40
N LEU A 48 13.50 3.46 14.08
CA LEU A 48 14.20 4.41 13.22
C LEU A 48 13.63 5.82 13.36
N ASN A 49 12.31 5.94 13.37
CA ASN A 49 11.71 7.27 13.49
C ASN A 49 11.97 7.88 14.85
N THR A 50 12.01 7.06 15.91
CA THR A 50 12.40 7.56 17.21
C THR A 50 13.87 8.01 17.20
N LEU A 51 14.73 7.26 16.51
CA LEU A 51 16.13 7.62 16.42
C LEU A 51 16.32 8.97 15.73
N VAL A 52 15.64 9.16 14.60
CA VAL A 52 15.76 10.41 13.84
C VAL A 52 15.28 11.59 14.67
N LYS A 53 14.17 11.43 15.39
CA LYS A 53 13.69 12.54 16.19
C LYS A 53 14.68 12.91 17.29
N GLN A 54 15.25 11.92 17.96
CA GLN A 54 16.18 12.23 19.04
C GLN A 54 17.50 12.79 18.52
N LEU A 55 17.95 12.38 17.33
CA LEU A 55 19.16 12.93 16.74
C LEU A 55 18.99 14.40 16.42
N SER A 56 17.81 14.80 15.92
CA SER A 56 17.56 16.20 15.62
C SER A 56 17.68 17.06 16.87
N SER A 57 17.10 16.57 17.96
CA SER A 57 17.19 17.28 19.22
C SER A 57 18.63 17.36 19.71
N ASN A 58 19.40 16.28 19.56
CA ASN A 58 20.80 16.24 19.99
C ASN A 58 21.69 17.13 19.13
N PHE A 59 21.47 17.15 17.82
CA PHE A 59 22.28 17.98 16.95
C PHE A 59 22.03 19.47 17.21
N GLY A 60 20.83 19.80 17.64
CA GLY A 60 20.51 21.19 17.95
C GLY A 60 21.24 21.55 19.22
N ALA A 61 21.27 20.62 20.15
CA ALA A 61 21.94 20.77 21.45
C ALA A 61 23.45 20.95 21.25
N ILE A 62 24.04 20.28 20.27
CA ILE A 62 25.47 20.44 19.93
C ILE A 62 25.66 21.78 19.25
N SER A 63 24.74 22.16 18.39
CA SER A 63 24.79 23.42 17.61
C SER A 63 24.80 24.61 18.54
N SER A 64 23.95 24.58 19.56
CA SER A 64 23.82 25.68 20.53
C SER A 64 25.11 25.79 21.33
N VAL A 65 25.64 24.67 21.79
CA VAL A 65 26.86 24.67 22.63
C VAL A 65 28.05 25.14 21.82
N LEU A 66 28.14 24.73 20.57
CA LEU A 66 29.28 25.15 19.74
C LEU A 66 29.27 26.68 19.63
N ASN A 67 28.16 27.29 19.24
CA ASN A 67 28.06 28.76 19.06
C ASN A 67 28.44 29.46 20.36
N ASP A 68 28.08 28.86 21.47
CA ASP A 68 28.44 29.49 22.74
C ASP A 68 29.96 29.47 22.91
N ILE A 69 30.59 28.34 22.57
CA ILE A 69 32.05 28.28 22.55
C ILE A 69 32.62 29.30 21.59
N LEU A 70 32.05 29.37 20.39
CA LEU A 70 32.62 30.30 19.40
C LEU A 70 32.52 31.73 19.89
N SER A 71 31.36 32.12 20.36
CA SER A 71 31.19 33.48 20.85
C SER A 71 32.09 33.75 22.05
N ARG A 72 32.41 32.72 22.83
CA ARG A 72 33.30 32.80 24.00
C ARG A 72 34.73 33.05 23.50
N LEU A 73 35.13 32.32 22.48
CA LEU A 73 36.48 32.42 21.87
C LEU A 73 36.65 33.83 21.33
N ASP A 74 35.62 34.32 20.65
CA ASP A 74 35.58 35.65 20.01
C ASP A 74 36.02 36.73 21.00
N LYS A 75 35.45 36.65 22.19
CA LYS A 75 35.64 37.57 23.35
C LYS A 75 37.08 37.59 23.88
N GLY A 82 30.56 33.00 15.81
CA GLY A 82 29.93 32.63 14.52
C GLY A 82 28.68 31.81 14.75
N ASP A 83 28.04 31.33 13.69
CA ASP A 83 26.82 30.48 13.85
C ASP A 83 26.99 29.19 13.06
N VAL A 84 26.62 28.08 13.68
CA VAL A 84 26.78 26.77 12.99
C VAL A 84 25.41 26.14 12.85
N ASP A 85 25.23 25.45 11.74
CA ASP A 85 23.97 24.73 11.43
C ASP A 85 24.37 23.36 10.92
N LEU A 86 23.63 22.34 11.31
CA LEU A 86 23.89 20.96 10.83
C LEU A 86 22.67 20.57 10.03
N GLY A 87 22.84 19.87 8.91
CA GLY A 87 21.70 19.54 8.04
C GLY A 87 20.57 18.86 8.79
N ASP A 88 19.34 19.29 8.53
CA ASP A 88 18.20 18.64 9.22
C ASP A 88 18.03 17.26 8.63
N ILE A 89 17.72 16.32 9.48
CA ILE A 89 17.51 14.91 9.09
C ILE A 89 16.07 14.59 9.43
N SER A 90 15.28 15.62 9.77
CA SER A 90 13.84 15.47 10.08
C SER A 90 13.07 14.86 8.89
N GLY A 91 13.50 15.14 7.67
CA GLY A 91 12.82 14.59 6.50
C GLY A 91 12.96 13.09 6.38
N ILE A 92 13.83 12.44 7.15
CA ILE A 92 13.95 11.00 6.98
C ILE A 92 12.84 10.28 7.77
N ASN A 93 12.08 9.45 7.07
CA ASN A 93 10.94 8.78 7.68
C ASN A 93 10.88 7.32 7.26
N ALA A 94 10.61 6.45 8.22
CA ALA A 94 10.41 5.03 7.96
C ALA A 94 8.92 4.74 7.80
N SER A 95 8.56 4.10 6.70
CA SER A 95 7.19 3.72 6.39
C SER A 95 6.74 2.48 7.16
N VAL A 96 5.43 2.36 7.34
CA VAL A 96 4.85 1.18 7.96
C VAL A 96 4.21 0.32 6.87
N VAL A 97 4.01 -0.96 7.16
CA VAL A 97 3.39 -1.89 6.22
C VAL A 97 2.07 -2.36 6.80
N ASN A 98 1.09 -2.63 5.91
CA ASN A 98 -0.22 -3.13 6.32
C ASN A 98 -0.65 -4.26 5.38
N ILE A 99 -0.50 -5.50 5.85
CA ILE A 99 -0.87 -6.67 5.07
C ILE A 99 -1.91 -7.50 5.80
N GLN A 100 -2.63 -6.87 6.74
CA GLN A 100 -3.58 -7.58 7.59
C GLN A 100 -4.67 -8.25 6.75
N LYS A 101 -5.10 -7.61 5.68
CA LYS A 101 -6.14 -8.11 4.82
C LYS A 101 -5.72 -9.45 4.18
N GLU A 102 -4.45 -9.54 3.77
CA GLU A 102 -3.94 -10.79 3.18
C GLU A 102 -3.83 -11.88 4.21
N ILE A 103 -3.36 -11.53 5.40
CA ILE A 103 -3.29 -12.51 6.48
C ILE A 103 -4.67 -13.06 6.79
N ASP A 104 -5.69 -12.21 6.75
CA ASP A 104 -7.05 -12.63 7.07
C ASP A 104 -7.56 -13.63 6.03
N ARG A 105 -7.38 -13.30 4.75
CA ARG A 105 -7.79 -14.20 3.69
C ARG A 105 -7.12 -15.56 3.82
N LEU A 106 -5.83 -15.57 4.17
CA LEU A 106 -5.13 -16.84 4.33
C LEU A 106 -5.74 -17.67 5.43
N ASN A 107 -5.99 -17.04 6.58
CA ASN A 107 -6.58 -17.77 7.69
C ASN A 107 -8.00 -18.20 7.39
N GLU A 108 -8.71 -17.39 6.61
CA GLU A 108 -10.07 -17.66 6.23
C GLU A 108 -10.15 -18.86 5.30
N VAL A 109 -9.31 -18.89 4.24
CA VAL A 109 -9.30 -20.01 3.31
C VAL A 109 -8.78 -21.27 4.02
N ALA A 110 -7.82 -21.09 4.93
CA ALA A 110 -7.33 -22.24 5.68
C ALA A 110 -8.50 -22.92 6.38
N LYS A 111 -9.41 -22.13 6.94
CA LYS A 111 -10.63 -22.68 7.56
C LYS A 111 -11.65 -23.14 6.50
N ASN A 112 -11.82 -22.35 5.43
CA ASN A 112 -12.77 -22.67 4.36
C ASN A 112 -12.54 -24.05 3.77
N LEU A 113 -11.30 -24.53 3.77
CA LEU A 113 -11.01 -25.77 3.08
C LEU A 113 -11.66 -26.97 3.76
N ASN A 114 -12.07 -26.82 5.03
CA ASN A 114 -12.80 -27.88 5.70
C ASN A 114 -14.05 -28.26 4.92
N GLU A 115 -14.65 -27.28 4.26
CA GLU A 115 -15.87 -27.50 3.53
C GLU A 115 -15.63 -28.12 2.16
N SER A 116 -14.39 -28.12 1.67
CA SER A 116 -14.07 -28.66 0.35
C SER A 116 -13.65 -30.12 0.39
N LEU A 117 -13.59 -30.73 1.58
CA LEU A 117 -13.23 -32.13 1.72
C LEU A 117 -14.33 -33.02 1.16
N ILE A 118 -13.94 -34.22 0.72
CA ILE A 118 -14.84 -35.12 0.01
C ILE A 118 -15.39 -36.11 1.02
N ASP A 119 -16.72 -36.16 1.11
CA ASP A 119 -17.45 -37.04 2.00
C ASP A 119 -18.36 -37.83 1.06
N LEU A 120 -17.92 -39.04 0.70
CA LEU A 120 -18.57 -39.83 -0.35
C LEU A 120 -19.83 -40.52 0.14
N GLN A 121 -20.78 -40.68 -0.77
CA GLN A 121 -21.97 -41.49 -0.47
C GLN A 121 -21.63 -42.96 -0.64
N GLU A 122 -21.89 -43.75 0.40
CA GLU A 122 -21.55 -45.16 0.39
C GLU A 122 -22.70 -45.98 -0.16
N ASN A 135 -18.41 -35.99 -21.72
CA ASN A 135 -19.77 -35.40 -21.78
C ASN A 135 -19.70 -33.94 -21.29
N VAL A 136 -20.83 -33.30 -21.02
CA VAL A 136 -20.92 -31.89 -20.58
C VAL A 136 -19.96 -31.64 -19.41
N LEU A 137 -19.95 -32.49 -18.40
CA LEU A 137 -19.12 -32.26 -17.20
C LEU A 137 -17.65 -32.25 -17.65
N TYR A 138 -17.25 -33.21 -18.46
CA TYR A 138 -15.85 -33.27 -18.93
C TYR A 138 -15.51 -31.98 -19.69
N GLU A 139 -16.41 -31.49 -20.53
CA GLU A 139 -16.08 -30.26 -21.26
C GLU A 139 -15.96 -29.09 -20.29
N ASN A 140 -16.84 -29.02 -19.28
CA ASN A 140 -16.82 -27.89 -18.31
C ASN A 140 -15.53 -27.99 -17.51
N GLN A 141 -15.09 -29.19 -17.21
CA GLN A 141 -13.88 -29.47 -16.43
C GLN A 141 -12.67 -28.99 -17.22
N LYS A 142 -12.67 -29.15 -18.53
CA LYS A 142 -11.54 -28.67 -19.34
C LYS A 142 -11.40 -27.17 -19.11
N LEU A 143 -12.52 -26.46 -19.05
CA LEU A 143 -12.50 -24.98 -18.91
C LEU A 143 -11.99 -24.50 -17.55
N ILE A 144 -12.41 -25.11 -16.45
CA ILE A 144 -12.03 -24.68 -15.08
C ILE A 144 -10.53 -24.81 -14.90
N ALA A 145 -9.93 -25.89 -15.37
CA ALA A 145 -8.48 -26.07 -15.25
C ALA A 145 -7.77 -24.95 -16.00
N ASN A 146 -8.23 -24.61 -17.19
CA ASN A 146 -7.57 -23.54 -17.96
C ASN A 146 -7.60 -22.26 -17.15
N GLN A 147 -8.72 -21.94 -16.55
CA GLN A 147 -8.80 -20.73 -15.76
C GLN A 147 -7.80 -20.77 -14.61
N PHE A 148 -7.72 -21.90 -13.92
CA PHE A 148 -6.76 -22.06 -12.84
C PHE A 148 -5.33 -21.94 -13.34
N ASN A 149 -5.03 -22.55 -14.48
CA ASN A 149 -3.68 -22.50 -15.04
C ASN A 149 -3.29 -21.08 -15.38
N SER A 150 -4.24 -20.28 -15.86
CA SER A 150 -3.93 -18.90 -16.18
C SER A 150 -3.66 -18.08 -14.91
N ALA A 151 -4.45 -18.32 -13.85
CA ALA A 151 -4.30 -17.55 -12.62
C ALA A 151 -3.04 -17.95 -11.85
N ILE A 152 -2.79 -19.27 -11.75
CA ILE A 152 -1.61 -19.77 -11.07
C ILE A 152 -0.33 -19.33 -11.76
N GLY A 153 -0.39 -19.10 -13.08
CA GLY A 153 0.77 -18.58 -13.77
C GLY A 153 1.09 -17.14 -13.38
N LYS A 154 0.06 -16.30 -13.31
CA LYS A 154 0.29 -14.92 -12.91
C LYS A 154 0.78 -14.86 -11.47
N ILE A 155 0.27 -15.75 -10.63
CA ILE A 155 0.72 -15.79 -9.24
C ILE A 155 2.19 -16.19 -9.16
N GLN A 156 2.58 -17.23 -9.92
CA GLN A 156 3.98 -17.64 -9.92
C GLN A 156 4.90 -16.55 -10.47
N ASP A 157 4.44 -15.78 -11.46
CA ASP A 157 5.26 -14.69 -11.99
C ASP A 157 5.48 -13.60 -10.95
N SER A 158 4.45 -13.28 -10.18
CA SER A 158 4.59 -12.26 -9.15
C SER A 158 5.57 -12.73 -8.09
N LEU A 159 5.51 -14.00 -7.71
CA LEU A 159 6.46 -14.51 -6.72
C LEU A 159 7.90 -14.46 -7.24
N SER A 160 8.10 -14.66 -8.54
CA SER A 160 9.44 -14.62 -9.11
C SER A 160 10.03 -13.22 -9.12
N SER A 161 9.24 -12.22 -9.52
CA SER A 161 9.75 -10.86 -9.56
C SER A 161 10.03 -10.33 -8.16
N THR A 162 9.19 -10.73 -7.20
CA THR A 162 9.41 -10.38 -5.81
C THR A 162 10.72 -10.97 -5.30
N ALA A 163 11.01 -12.23 -5.66
CA ALA A 163 12.31 -12.83 -5.31
C ALA A 163 13.47 -12.04 -5.96
N SER A 164 13.27 -11.56 -7.18
CA SER A 164 14.28 -10.72 -7.85
C SER A 164 14.48 -9.42 -7.09
N ALA A 165 13.38 -8.82 -6.63
CA ALA A 165 13.46 -7.60 -5.82
C ALA A 165 14.17 -7.88 -4.50
N LEU A 166 14.01 -9.10 -3.97
CA LEU A 166 14.67 -9.52 -2.73
C LEU A 166 16.18 -9.66 -2.88
N GLY A 167 16.66 -10.09 -4.06
CA GLY A 167 18.10 -10.09 -4.29
C GLY A 167 18.65 -8.68 -4.46
N LYS A 168 17.94 -7.84 -5.21
CA LYS A 168 18.31 -6.43 -5.35
C LYS A 168 18.35 -5.79 -3.97
N LEU A 169 17.46 -6.23 -3.08
CA LEU A 169 17.41 -5.72 -1.72
C LEU A 169 18.63 -6.15 -0.91
N GLN A 170 19.07 -7.40 -1.08
CA GLN A 170 20.25 -7.87 -0.38
C GLN A 170 21.47 -7.01 -0.70
N ASP A 171 21.60 -6.59 -1.95
CA ASP A 171 22.70 -5.71 -2.32
C ASP A 171 22.60 -4.39 -1.57
N VAL A 172 21.40 -3.80 -1.53
CA VAL A 172 21.22 -2.52 -0.89
C VAL A 172 21.51 -2.62 0.61
N VAL A 173 21.10 -3.71 1.27
CA VAL A 173 21.41 -3.83 2.68
C VAL A 173 22.91 -4.02 2.90
N ASN A 174 23.60 -4.59 1.94
CA ASN A 174 25.06 -4.68 2.04
C ASN A 174 25.72 -3.31 1.87
N GLN A 175 25.19 -2.48 0.97
CA GLN A 175 25.78 -1.16 0.77
C GLN A 175 25.71 -0.31 2.04
N ASN A 176 24.57 -0.28 2.73
CA ASN A 176 24.60 0.51 3.96
C ASN A 176 25.31 -0.24 5.10
N ALA A 177 25.53 -1.54 4.98
CA ALA A 177 26.42 -2.16 5.97
C ALA A 177 27.81 -1.57 5.83
N GLN A 178 28.21 -1.32 4.59
CA GLN A 178 29.50 -0.68 4.24
C GLN A 178 29.46 0.74 4.78
N ALA A 179 28.44 1.51 4.42
CA ALA A 179 28.35 2.91 4.82
C ALA A 179 28.31 3.03 6.34
N LEU A 180 27.68 2.07 7.01
CA LEU A 180 27.64 2.14 8.46
C LEU A 180 29.03 1.97 9.05
N ASN A 181 29.78 0.96 8.59
CA ASN A 181 31.15 0.78 9.08
C ASN A 181 32.02 1.99 8.76
N THR A 182 31.84 2.57 7.57
CA THR A 182 32.58 3.77 7.20
C THR A 182 32.29 4.91 8.16
N LEU A 183 31.03 5.06 8.57
CA LEU A 183 30.68 6.09 9.54
C LEU A 183 31.36 5.82 10.87
N VAL A 184 31.36 4.56 11.30
CA VAL A 184 31.93 4.21 12.60
C VAL A 184 33.40 4.61 12.67
N LYS A 185 34.16 4.32 11.61
CA LYS A 185 35.60 4.53 11.69
C LYS A 185 35.92 6.01 11.50
N GLN A 186 35.10 6.70 10.73
CA GLN A 186 35.24 8.13 10.59
C GLN A 186 35.02 8.83 11.93
N LEU A 187 34.08 8.34 12.74
CA LEU A 187 33.83 8.92 14.06
C LEU A 187 34.96 8.63 15.03
N SER A 188 35.44 7.37 15.07
CA SER A 188 36.54 7.03 15.97
C SER A 188 37.79 7.82 15.64
N SER A 189 38.03 8.04 14.34
CA SER A 189 39.21 8.74 13.92
C SER A 189 39.13 10.22 14.30
N ASN A 190 38.02 10.86 13.94
CA ASN A 190 37.88 12.29 14.16
C ASN A 190 37.77 12.63 15.64
N PHE A 191 36.95 11.89 16.38
CA PHE A 191 36.73 12.28 17.76
C PHE A 191 37.79 11.73 18.71
N GLY A 192 38.40 10.59 18.37
CA GLY A 192 39.56 10.16 19.13
C GLY A 192 40.71 11.15 19.02
N ALA A 193 40.94 11.68 17.82
CA ALA A 193 42.00 12.65 17.59
C ALA A 193 41.72 13.95 18.34
N ILE A 194 40.45 14.39 18.36
CA ILE A 194 40.09 15.61 19.06
C ILE A 194 40.37 15.47 20.55
N SER A 195 39.98 14.31 21.11
CA SER A 195 40.18 14.05 22.53
C SER A 195 41.65 14.14 22.91
N SER A 196 42.55 13.65 22.04
CA SER A 196 43.98 13.74 22.31
C SER A 196 44.50 15.16 22.19
N VAL A 197 44.07 15.89 21.15
CA VAL A 197 44.53 17.25 20.97
C VAL A 197 44.03 18.13 22.11
N LEU A 198 42.74 18.00 22.46
CA LEU A 198 42.20 18.74 23.59
C LEU A 198 42.94 18.43 24.88
N ASN A 199 43.36 17.18 25.05
CA ASN A 199 44.04 16.78 26.28
C ASN A 199 45.30 17.61 26.48
N ASP A 200 46.01 17.91 25.40
CA ASP A 200 47.22 18.72 25.51
C ASP A 200 46.91 20.20 25.71
N ILE A 201 45.75 20.68 25.24
CA ILE A 201 45.45 22.09 25.42
C ILE A 201 44.95 22.28 26.83
N LEU A 202 44.29 21.27 27.38
CA LEU A 202 43.75 21.38 28.72
C LEU A 202 44.85 21.42 29.78
N SER A 203 45.96 20.74 29.53
CA SER A 203 47.06 20.76 30.50
C SER A 203 47.76 22.11 30.51
N ARG A 204 47.75 22.81 29.38
CA ARG A 204 48.31 24.14 29.22
C ARG A 204 47.41 25.26 29.76
N LEU A 205 46.10 25.08 29.81
CA LEU A 205 45.19 26.15 30.22
C LEU A 205 44.57 25.88 31.58
N ASP A 206 44.18 26.96 32.24
CA ASP A 206 43.60 26.98 33.62
C ASP A 206 42.08 26.94 33.57
N LYS A 207 41.44 26.19 34.46
CA LYS A 207 39.96 26.07 34.56
C LYS A 207 39.40 27.42 35.03
N VAL A 208 38.27 27.87 34.51
CA VAL A 208 37.62 29.14 34.93
C VAL A 208 36.88 28.88 36.23
N TYR B 6 -15.10 -43.27 -15.79
CA TYR B 6 -13.64 -43.56 -15.78
C TYR B 6 -12.90 -42.49 -16.55
N GLU B 7 -13.45 -42.09 -17.69
CA GLU B 7 -12.78 -41.01 -18.45
C GLU B 7 -12.77 -39.77 -17.56
N ASN B 8 -13.91 -39.45 -16.94
CA ASN B 8 -13.96 -38.32 -15.99
C ASN B 8 -13.05 -38.66 -14.82
N GLN B 9 -13.03 -39.90 -14.35
CA GLN B 9 -12.16 -40.25 -13.20
C GLN B 9 -10.71 -39.97 -13.59
N LYS B 10 -10.30 -40.34 -14.79
CA LYS B 10 -8.92 -40.09 -15.25
C LYS B 10 -8.66 -38.59 -15.34
N LEU B 11 -9.59 -37.86 -15.92
CA LEU B 11 -9.36 -36.42 -16.16
C LEU B 11 -9.13 -35.68 -14.85
N ILE B 12 -9.92 -35.98 -13.82
CA ILE B 12 -9.77 -35.26 -12.53
C ILE B 12 -8.45 -35.69 -11.91
N ALA B 13 -8.14 -36.98 -11.97
CA ALA B 13 -6.89 -37.45 -11.33
C ALA B 13 -5.70 -36.72 -11.94
N ASN B 14 -5.70 -36.48 -13.24
CA ASN B 14 -4.53 -35.81 -13.82
C ASN B 14 -4.51 -34.35 -13.38
N GLN B 15 -5.62 -33.66 -13.60
CA GLN B 15 -5.80 -32.23 -13.27
C GLN B 15 -5.38 -31.99 -11.82
N PHE B 16 -5.70 -32.91 -10.93
CA PHE B 16 -5.30 -32.77 -9.52
C PHE B 16 -3.78 -32.71 -9.48
N ASN B 17 -3.17 -33.81 -9.94
CA ASN B 17 -1.70 -33.98 -10.01
C ASN B 17 -1.07 -32.74 -10.66
N SER B 18 -1.64 -32.24 -11.74
CA SER B 18 -1.02 -31.07 -12.36
C SER B 18 -1.04 -29.90 -11.39
N ALA B 19 -2.17 -29.69 -10.70
CA ALA B 19 -2.35 -28.55 -9.79
C ALA B 19 -1.54 -28.73 -8.52
N ILE B 20 -1.44 -29.94 -8.03
CA ILE B 20 -0.63 -30.13 -6.82
C ILE B 20 0.79 -29.66 -7.09
N GLY B 21 1.36 -30.06 -8.23
CA GLY B 21 2.69 -29.62 -8.56
C GLY B 21 2.81 -28.10 -8.63
N LYS B 22 1.83 -27.43 -9.23
CA LYS B 22 1.88 -25.98 -9.29
C LYS B 22 1.80 -25.38 -7.89
N ILE B 23 0.98 -25.97 -7.02
CA ILE B 23 0.91 -25.52 -5.63
C ILE B 23 2.25 -25.70 -4.95
N GLN B 24 2.87 -26.87 -5.15
CA GLN B 24 4.17 -27.19 -4.58
C GLN B 24 5.22 -26.13 -4.94
N ASP B 25 5.26 -25.74 -6.21
CA ASP B 25 6.20 -24.73 -6.64
C ASP B 25 5.89 -23.38 -5.99
N SER B 26 4.61 -23.05 -5.85
CA SER B 26 4.23 -21.80 -5.21
C SER B 26 4.55 -21.83 -3.72
N LEU B 27 4.42 -22.99 -3.09
CA LEU B 27 4.79 -23.11 -1.69
C LEU B 27 6.29 -22.96 -1.51
N SER B 28 7.06 -23.51 -2.45
CA SER B 28 8.51 -23.44 -2.36
C SER B 28 9.03 -22.02 -2.59
N SER B 29 8.44 -21.30 -3.55
CA SER B 29 8.83 -19.91 -3.72
C SER B 29 8.42 -19.05 -2.53
N THR B 30 7.29 -19.39 -1.91
CA THR B 30 6.82 -18.68 -0.74
C THR B 30 7.77 -18.85 0.45
N ALA B 31 8.20 -20.08 0.71
CA ALA B 31 9.18 -20.29 1.76
C ALA B 31 10.50 -19.57 1.43
N SER B 32 10.86 -19.53 0.15
CA SER B 32 12.09 -18.88 -0.28
C SER B 32 12.03 -17.37 -0.07
N ALA B 33 10.91 -16.73 -0.46
CA ALA B 33 10.80 -15.28 -0.24
C ALA B 33 10.73 -14.98 1.25
N LEU B 34 10.05 -15.85 2.02
CA LEU B 34 10.00 -15.67 3.45
C LEU B 34 11.39 -15.80 4.07
N GLY B 35 12.21 -16.72 3.55
CA GLY B 35 13.57 -16.86 4.05
C GLY B 35 14.42 -15.64 3.77
N LYS B 36 14.29 -15.05 2.57
CA LYS B 36 15.02 -13.84 2.24
C LYS B 36 14.56 -12.65 3.08
N LEU B 37 13.24 -12.54 3.31
CA LEU B 37 12.73 -11.44 4.10
C LEU B 37 13.26 -11.50 5.53
N GLN B 38 13.22 -12.70 6.15
CA GLN B 38 13.74 -12.86 7.50
C GLN B 38 15.19 -12.38 7.60
N ASP B 39 15.98 -12.69 6.59
CA ASP B 39 17.39 -12.27 6.63
C ASP B 39 17.55 -10.75 6.49
N VAL B 40 16.97 -10.09 5.50
CA VAL B 40 17.24 -8.68 5.34
C VAL B 40 16.54 -7.90 6.42
N VAL B 41 15.44 -8.43 6.95
CA VAL B 41 14.81 -7.74 8.06
C VAL B 41 15.73 -7.76 9.27
N ASN B 42 16.32 -8.92 9.57
CA ASN B 42 17.22 -9.02 10.72
C ASN B 42 18.57 -8.32 10.49
N GLN B 43 19.06 -8.27 9.26
CA GLN B 43 20.27 -7.50 8.99
C GLN B 43 20.03 -6.02 9.20
N ASN B 44 18.94 -5.52 8.62
CA ASN B 44 18.57 -4.11 8.80
C ASN B 44 18.38 -3.81 10.28
N ALA B 45 17.84 -4.77 11.03
CA ALA B 45 17.68 -4.57 12.46
C ALA B 45 19.01 -4.48 13.19
N GLN B 46 19.99 -5.33 12.80
CA GLN B 46 21.26 -5.31 13.50
C GLN B 46 22.05 -4.04 13.16
N ALA B 47 21.93 -3.57 11.93
CA ALA B 47 22.56 -2.31 11.56
C ALA B 47 22.03 -1.15 12.40
N LEU B 48 20.71 -1.11 12.62
CA LEU B 48 20.11 -0.06 13.43
C LEU B 48 20.64 -0.12 14.84
N ASN B 49 20.69 -1.31 15.42
CA ASN B 49 21.18 -1.40 16.78
C ASN B 49 22.67 -1.08 16.89
N THR B 50 23.45 -1.37 15.85
CA THR B 50 24.86 -0.98 15.85
C THR B 50 24.99 0.53 15.79
N LEU B 51 24.21 1.16 14.91
CA LEU B 51 24.21 2.61 14.78
C LEU B 51 23.82 3.29 16.08
N VAL B 52 22.81 2.76 16.78
CA VAL B 52 22.42 3.36 18.05
C VAL B 52 23.55 3.25 19.05
N LYS B 53 24.17 2.07 19.14
CA LYS B 53 25.24 1.84 20.12
C LYS B 53 26.44 2.73 19.84
N GLN B 54 26.83 2.84 18.57
CA GLN B 54 27.99 3.62 18.18
C GLN B 54 27.73 5.12 18.36
N LEU B 55 26.53 5.57 18.06
CA LEU B 55 26.21 6.97 18.23
C LEU B 55 26.18 7.36 19.70
N SER B 56 25.68 6.47 20.55
CA SER B 56 25.60 6.79 21.99
C SER B 56 27.00 7.02 22.54
N SER B 57 27.93 6.15 22.16
CA SER B 57 29.34 6.23 22.62
C SER B 57 29.94 7.55 22.13
N ASN B 58 29.68 7.91 20.89
CA ASN B 58 30.20 9.15 20.35
C ASN B 58 29.52 10.38 20.95
N PHE B 59 28.23 10.30 21.24
CA PHE B 59 27.61 11.45 21.90
C PHE B 59 28.20 11.67 23.28
N GLY B 60 28.57 10.58 23.97
CA GLY B 60 29.22 10.72 25.26
C GLY B 60 30.62 11.31 25.16
N ALA B 61 31.36 10.90 24.13
CA ALA B 61 32.68 11.46 23.88
C ALA B 61 32.59 12.94 23.54
N ILE B 62 31.63 13.30 22.72
CA ILE B 62 31.44 14.70 22.30
C ILE B 62 30.99 15.50 23.51
N SER B 63 30.24 14.90 24.41
CA SER B 63 29.74 15.56 25.62
C SER B 63 30.89 15.97 26.52
N SER B 64 31.84 15.09 26.77
CA SER B 64 32.98 15.39 27.65
C SER B 64 33.85 16.44 26.99
N VAL B 65 34.02 16.36 25.68
CA VAL B 65 34.85 17.32 24.91
C VAL B 65 34.25 18.72 25.01
N LEU B 66 32.95 18.87 24.92
CA LEU B 66 32.31 20.20 24.99
C LEU B 66 32.45 20.83 26.37
N ASN B 67 32.23 20.06 27.41
CA ASN B 67 32.32 20.52 28.82
C ASN B 67 33.76 20.87 29.14
N ASP B 68 34.69 20.09 28.63
CA ASP B 68 36.14 20.31 28.84
C ASP B 68 36.48 21.66 28.24
N ILE B 69 36.00 21.96 27.05
CA ILE B 69 36.29 23.25 26.37
C ILE B 69 35.60 24.37 27.13
N LEU B 70 34.38 24.15 27.59
CA LEU B 70 33.55 25.13 28.33
C LEU B 70 34.19 25.47 29.67
N SER B 71 34.94 24.57 30.27
CA SER B 71 35.64 24.78 31.56
C SER B 71 36.89 25.64 31.39
N ARG B 72 37.31 25.97 30.17
CA ARG B 72 38.51 26.81 29.93
C ARG B 72 38.19 28.12 29.20
N LEU B 73 36.92 28.47 29.05
CA LEU B 73 36.42 29.71 28.42
C LEU B 73 35.33 30.29 29.32
N ASP B 74 34.97 31.57 29.25
CA ASP B 74 33.91 32.06 30.19
C ASP B 74 33.12 33.25 29.66
N LYS B 75 32.05 33.57 30.42
CA LYS B 75 31.27 34.83 30.45
C LYS B 75 30.80 35.44 29.13
N VAL B 76 30.08 34.74 28.26
CA VAL B 76 29.49 35.52 27.13
C VAL B 76 28.00 35.21 27.05
N ASP B 83 23.95 22.66 32.14
CA ASP B 83 25.17 22.33 31.37
C ASP B 83 24.87 21.16 30.41
N VAL B 84 25.84 20.69 29.63
CA VAL B 84 25.69 19.73 28.49
C VAL B 84 25.64 18.25 28.87
N ASP B 85 24.50 17.63 28.65
CA ASP B 85 24.35 16.17 28.70
C ASP B 85 23.41 15.87 27.54
N LEU B 86 23.80 15.06 26.57
CA LEU B 86 22.92 14.82 25.41
C LEU B 86 21.94 13.71 25.75
N GLY B 87 20.82 13.64 25.05
CA GLY B 87 19.78 12.64 25.35
C GLY B 87 20.31 11.24 25.15
N ASP B 88 19.93 10.30 26.01
CA ASP B 88 20.44 8.92 25.91
C ASP B 88 19.60 8.14 24.89
N ILE B 89 20.16 7.79 23.75
CA ILE B 89 19.35 7.06 22.74
C ILE B 89 19.65 5.58 22.82
N SER B 90 20.49 5.17 23.76
CA SER B 90 20.88 3.77 23.86
C SER B 90 19.69 2.86 24.14
N GLY B 91 18.57 3.41 24.60
CA GLY B 91 17.38 2.60 24.84
C GLY B 91 16.66 2.16 23.58
N ILE B 92 16.87 2.87 22.47
CA ILE B 92 16.23 2.57 21.21
C ILE B 92 16.73 1.23 20.69
N ASN B 93 15.79 0.33 20.36
CA ASN B 93 16.15 -1.02 19.92
C ASN B 93 15.28 -1.48 18.77
N ALA B 94 15.90 -2.12 17.80
CA ALA B 94 15.18 -2.76 16.71
C ALA B 94 15.07 -4.25 17.04
N SER B 95 13.85 -4.76 17.12
CA SER B 95 13.68 -6.17 17.40
C SER B 95 13.94 -7.00 16.15
N VAL B 96 14.28 -8.25 16.34
CA VAL B 96 14.46 -9.17 15.23
C VAL B 96 13.30 -10.16 15.16
N VAL B 97 13.23 -10.85 14.05
CA VAL B 97 12.10 -11.79 13.79
C VAL B 97 12.60 -13.22 13.67
N ASN B 98 11.77 -14.17 14.08
CA ASN B 98 12.11 -15.60 13.93
C ASN B 98 10.92 -16.34 13.33
N ILE B 99 11.00 -16.71 12.06
CA ILE B 99 9.91 -17.41 11.37
C ILE B 99 10.42 -18.71 10.77
N GLN B 100 11.53 -19.22 11.27
CA GLN B 100 12.14 -20.43 10.70
C GLN B 100 11.18 -21.61 10.80
N LYS B 101 10.47 -21.74 11.91
CA LYS B 101 9.55 -22.88 12.07
C LYS B 101 8.52 -22.81 10.95
N GLU B 102 7.95 -21.65 10.73
CA GLU B 102 6.97 -21.51 9.64
C GLU B 102 7.62 -21.80 8.30
N ILE B 103 8.81 -21.29 8.06
CA ILE B 103 9.45 -21.57 6.75
C ILE B 103 9.74 -23.06 6.61
N ASP B 104 10.19 -23.70 7.68
CA ASP B 104 10.50 -25.13 7.55
C ASP B 104 9.22 -25.90 7.22
N ARG B 105 8.14 -25.62 7.95
CA ARG B 105 6.85 -26.35 7.75
C ARG B 105 6.38 -26.15 6.32
N LEU B 106 6.49 -24.94 5.79
CA LEU B 106 6.19 -24.71 4.39
C LEU B 106 6.98 -25.64 3.49
N ASN B 107 8.23 -25.93 3.88
CA ASN B 107 9.10 -26.80 3.05
C ASN B 107 8.74 -28.28 3.22
N GLU B 108 8.42 -28.76 4.42
CA GLU B 108 8.04 -30.19 4.53
C GLU B 108 6.75 -30.43 3.77
N VAL B 109 5.78 -29.54 3.95
CA VAL B 109 4.44 -29.69 3.33
C VAL B 109 4.62 -29.68 1.82
N ALA B 110 5.45 -28.80 1.29
CA ALA B 110 5.63 -28.84 -0.17
C ALA B 110 6.24 -30.17 -0.57
N LYS B 111 7.19 -30.70 0.18
CA LYS B 111 7.77 -32.01 -0.20
C LYS B 111 6.71 -33.09 0.02
N ASN B 112 6.03 -33.06 1.16
CA ASN B 112 5.07 -34.11 1.59
C ASN B 112 3.88 -34.19 0.68
N LEU B 113 3.69 -33.22 -0.20
CA LEU B 113 2.52 -33.26 -1.12
C LEU B 113 2.59 -34.39 -2.16
N ASN B 114 3.79 -34.97 -2.28
CA ASN B 114 4.11 -36.09 -3.18
C ASN B 114 3.28 -37.29 -2.77
N GLU B 115 3.09 -37.47 -1.47
CA GLU B 115 2.25 -38.58 -0.97
C GLU B 115 0.80 -38.43 -1.45
N SER B 116 0.29 -37.21 -1.60
CA SER B 116 -1.11 -37.01 -2.00
C SER B 116 -1.32 -37.13 -3.51
N LEU B 117 -0.28 -37.38 -4.30
CA LEU B 117 -0.46 -37.55 -5.78
C LEU B 117 -1.22 -38.84 -6.08
N ILE B 118 -1.86 -38.95 -7.22
CA ILE B 118 -2.67 -40.18 -7.48
C ILE B 118 -2.28 -40.82 -8.80
N ASP B 119 -2.54 -42.13 -8.89
CA ASP B 119 -2.33 -42.99 -10.08
C ASP B 119 -3.15 -44.28 -10.00
N LEU B 120 -3.86 -44.66 -11.08
CA LEU B 120 -4.55 -45.97 -11.27
C LEU B 120 -5.09 -46.08 -12.71
N THR B 133 -26.72 -48.37 -7.12
CA THR B 133 -27.31 -47.69 -8.30
C THR B 133 -26.21 -46.91 -9.02
N GLN B 134 -26.50 -46.49 -10.25
CA GLN B 134 -25.58 -45.70 -11.11
C GLN B 134 -25.82 -44.22 -10.85
N ASN B 135 -26.75 -43.88 -9.96
CA ASN B 135 -26.92 -42.46 -9.61
C ASN B 135 -25.98 -42.17 -8.45
N VAL B 136 -25.57 -43.20 -7.71
CA VAL B 136 -24.69 -42.86 -6.59
C VAL B 136 -23.30 -42.51 -7.12
N LEU B 137 -22.76 -43.33 -8.01
CA LEU B 137 -21.46 -43.04 -8.62
C LEU B 137 -21.50 -41.75 -9.42
N TYR B 138 -22.62 -41.51 -10.08
CA TYR B 138 -22.74 -40.28 -10.89
C TYR B 138 -22.79 -39.10 -9.93
N GLU B 139 -23.45 -39.26 -8.79
CA GLU B 139 -23.50 -38.21 -7.78
C GLU B 139 -22.17 -38.06 -7.07
N ASN B 140 -21.46 -39.18 -6.87
CA ASN B 140 -20.13 -39.12 -6.26
C ASN B 140 -19.13 -38.39 -7.14
N GLN B 141 -19.12 -38.68 -8.44
CA GLN B 141 -18.26 -37.96 -9.35
C GLN B 141 -18.65 -36.49 -9.44
N LYS B 142 -19.95 -36.22 -9.37
CA LYS B 142 -20.39 -34.80 -9.41
C LYS B 142 -19.84 -34.10 -8.18
N LEU B 143 -19.89 -34.77 -7.03
CA LEU B 143 -19.36 -34.20 -5.79
C LEU B 143 -17.86 -33.99 -5.87
N ILE B 144 -17.15 -35.02 -6.35
CA ILE B 144 -15.69 -34.96 -6.43
C ILE B 144 -15.25 -33.79 -7.28
N ALA B 145 -15.86 -33.64 -8.46
CA ALA B 145 -15.47 -32.53 -9.31
C ALA B 145 -15.72 -31.19 -8.63
N ASN B 146 -16.91 -31.02 -8.03
CA ASN B 146 -17.28 -29.72 -7.44
C ASN B 146 -16.39 -29.36 -6.26
N GLN B 147 -16.02 -30.33 -5.43
CA GLN B 147 -15.14 -30.05 -4.30
C GLN B 147 -13.74 -29.68 -4.77
N PHE B 148 -13.21 -30.43 -5.73
CA PHE B 148 -11.91 -30.11 -6.28
C PHE B 148 -11.90 -28.72 -6.90
N ASN B 149 -12.94 -28.39 -7.65
CA ASN B 149 -12.99 -27.07 -8.29
C ASN B 149 -13.09 -25.96 -7.26
N SER B 150 -13.89 -26.16 -6.21
CA SER B 150 -14.04 -25.10 -5.24
C SER B 150 -12.75 -24.92 -4.44
N ALA B 151 -12.09 -26.03 -4.09
CA ALA B 151 -10.84 -25.95 -3.30
C ALA B 151 -9.71 -25.32 -4.12
N ILE B 152 -9.60 -25.69 -5.38
CA ILE B 152 -8.59 -25.11 -6.25
C ILE B 152 -8.79 -23.61 -6.38
N GLY B 153 -10.04 -23.18 -6.51
CA GLY B 153 -10.31 -21.76 -6.57
C GLY B 153 -9.98 -21.03 -5.28
N LYS B 154 -10.20 -21.71 -4.15
CA LYS B 154 -9.89 -21.12 -2.85
C LYS B 154 -8.39 -21.00 -2.65
N ILE B 155 -7.65 -22.04 -3.02
CA ILE B 155 -6.20 -22.09 -2.88
C ILE B 155 -5.54 -21.05 -3.77
N GLN B 156 -6.01 -20.95 -5.01
CA GLN B 156 -5.46 -19.95 -5.90
C GLN B 156 -5.64 -18.55 -5.35
N ASP B 157 -6.77 -18.30 -4.71
CA ASP B 157 -7.01 -16.99 -4.11
C ASP B 157 -6.09 -16.73 -2.93
N SER B 158 -5.85 -17.75 -2.10
CA SER B 158 -4.94 -17.57 -0.98
C SER B 158 -3.50 -17.35 -1.45
N LEU B 159 -3.08 -18.08 -2.48
CA LEU B 159 -1.71 -17.88 -3.00
C LEU B 159 -1.61 -16.46 -3.54
N SER B 160 -2.67 -15.98 -4.18
CA SER B 160 -2.66 -14.61 -4.68
C SER B 160 -2.48 -13.63 -3.52
N SER B 161 -3.09 -13.94 -2.38
CA SER B 161 -2.93 -13.09 -1.21
C SER B 161 -1.52 -13.15 -0.68
N THR B 162 -0.91 -14.34 -0.72
CA THR B 162 0.46 -14.52 -0.27
C THR B 162 1.42 -13.69 -1.11
N ALA B 163 1.24 -13.76 -2.42
CA ALA B 163 2.06 -12.95 -3.32
C ALA B 163 1.84 -11.47 -3.07
N SER B 164 0.61 -11.07 -2.78
CA SER B 164 0.37 -9.65 -2.52
C SER B 164 1.08 -9.20 -1.25
N ALA B 165 1.03 -10.01 -0.19
CA ALA B 165 1.68 -9.65 1.06
C ALA B 165 3.21 -9.59 0.92
N LEU B 166 3.80 -10.54 0.18
CA LEU B 166 5.26 -10.59 0.04
C LEU B 166 5.77 -9.39 -0.75
N GLY B 167 5.06 -9.00 -1.80
CA GLY B 167 5.49 -7.84 -2.57
C GLY B 167 5.39 -6.56 -1.76
N LYS B 168 4.31 -6.40 -1.02
CA LYS B 168 4.20 -5.24 -0.14
C LYS B 168 5.23 -5.26 0.98
N LEU B 169 5.59 -6.45 1.49
CA LEU B 169 6.65 -6.54 2.51
C LEU B 169 8.00 -6.15 1.94
N GLN B 170 8.34 -6.69 0.76
CA GLN B 170 9.57 -6.29 0.08
C GLN B 170 9.59 -4.79 -0.10
N ASP B 171 8.44 -4.26 -0.46
CA ASP B 171 8.29 -2.83 -0.82
C ASP B 171 8.68 -1.93 0.34
N VAL B 172 8.15 -2.20 1.52
CA VAL B 172 8.42 -1.34 2.67
C VAL B 172 9.83 -1.56 3.23
N VAL B 173 10.28 -2.81 3.32
CA VAL B 173 11.61 -3.08 3.85
C VAL B 173 12.65 -2.45 2.95
N ASN B 174 12.35 -2.34 1.66
CA ASN B 174 13.24 -1.60 0.78
C ASN B 174 13.22 -0.11 1.10
N GLN B 175 12.05 0.46 1.32
CA GLN B 175 11.98 1.89 1.62
C GLN B 175 12.69 2.24 2.93
N ASN B 176 12.55 1.39 3.95
CA ASN B 176 13.22 1.66 5.20
C ASN B 176 14.72 1.38 5.15
N ALA B 177 15.17 0.50 4.24
CA ALA B 177 16.59 0.32 4.02
C ALA B 177 17.19 1.55 3.33
N GLN B 178 16.44 2.11 2.38
CA GLN B 178 16.92 3.31 1.69
C GLN B 178 16.90 4.50 2.63
N ALA B 179 15.89 4.60 3.48
CA ALA B 179 15.85 5.65 4.48
C ALA B 179 17.03 5.53 5.44
N LEU B 180 17.38 4.30 5.80
CA LEU B 180 18.53 4.07 6.68
C LEU B 180 19.80 4.53 6.01
N ASN B 181 19.96 4.21 4.73
CA ASN B 181 21.13 4.61 3.97
C ASN B 181 21.26 6.12 3.90
N THR B 182 20.18 6.81 3.56
CA THR B 182 20.26 8.26 3.51
C THR B 182 20.49 8.85 4.90
N LEU B 183 19.96 8.22 5.96
CA LEU B 183 20.26 8.71 7.30
C LEU B 183 21.75 8.63 7.59
N VAL B 184 22.37 7.50 7.22
CA VAL B 184 23.80 7.27 7.49
C VAL B 184 24.64 8.33 6.79
N LYS B 185 24.30 8.64 5.53
CA LYS B 185 25.13 9.54 4.77
C LYS B 185 24.91 10.98 5.25
N GLN B 186 23.74 11.25 5.77
CA GLN B 186 23.46 12.57 6.38
C GLN B 186 24.24 12.63 7.68
N LEU B 187 24.30 11.53 8.43
CA LEU B 187 25.01 11.50 9.70
C LEU B 187 26.48 11.78 9.50
N SER B 188 27.02 11.25 8.39
CA SER B 188 28.46 11.41 8.03
C SER B 188 28.78 12.88 7.82
N SER B 189 27.87 13.62 7.22
CA SER B 189 28.11 15.04 7.00
C SER B 189 27.95 15.82 8.29
N ASN B 190 26.91 15.52 9.07
CA ASN B 190 26.71 16.27 10.31
C ASN B 190 27.89 16.07 11.25
N PHE B 191 28.41 14.84 11.35
CA PHE B 191 29.53 14.62 12.23
C PHE B 191 30.82 15.15 11.60
N GLY B 192 30.87 15.22 10.27
CA GLY B 192 31.97 15.93 9.62
C GLY B 192 31.96 17.41 9.95
N ALA B 193 30.79 18.04 9.91
CA ALA B 193 30.67 19.45 10.25
C ALA B 193 31.00 19.69 11.71
N ILE B 194 30.60 18.77 12.59
CA ILE B 194 30.91 18.94 14.01
C ILE B 194 32.42 18.83 14.20
N SER B 195 33.02 17.82 13.59
CA SER B 195 34.45 17.59 13.71
C SER B 195 35.26 18.75 13.15
N SER B 196 34.82 19.30 12.03
CA SER B 196 35.53 20.40 11.38
C SER B 196 35.48 21.65 12.25
N VAL B 197 34.32 21.93 12.82
CA VAL B 197 34.19 23.07 13.70
C VAL B 197 35.03 22.89 14.96
N LEU B 198 35.00 21.68 15.55
CA LEU B 198 35.82 21.40 16.73
C LEU B 198 37.32 21.56 16.48
N ASN B 199 37.80 21.21 15.28
CA ASN B 199 39.23 21.33 15.04
C ASN B 199 39.64 22.78 14.87
N ASP B 200 38.75 23.63 14.35
CA ASP B 200 39.07 25.04 14.26
C ASP B 200 39.02 25.68 15.63
N ILE B 201 38.14 25.17 16.48
CA ILE B 201 38.07 25.68 17.87
C ILE B 201 39.34 25.24 18.59
N LEU B 202 39.82 24.05 18.32
CA LEU B 202 41.04 23.59 19.01
C LEU B 202 42.21 24.47 18.64
N SER B 203 42.36 24.81 17.37
CA SER B 203 43.51 25.66 16.99
C SER B 203 43.35 27.06 17.57
N ARG B 204 42.15 27.55 17.73
CA ARG B 204 42.06 28.92 18.28
C ARG B 204 42.52 28.89 19.73
N LEU B 205 42.10 27.87 20.47
CA LEU B 205 42.47 27.69 21.88
C LEU B 205 43.98 27.50 21.98
N ASP B 206 44.57 26.71 21.09
CA ASP B 206 46.02 26.39 21.14
C ASP B 206 46.82 27.69 21.15
N LYS B 207 46.35 28.70 20.41
CA LYS B 207 46.99 30.03 20.21
C LYS B 207 46.93 30.90 21.47
N VAL B 208 45.91 30.76 22.32
CA VAL B 208 45.79 31.54 23.59
C VAL B 208 44.95 30.76 24.60
N THR C 1 16.58 48.48 8.11
CA THR C 1 15.61 49.54 8.48
C THR C 1 14.25 48.93 8.84
N GLN C 2 13.49 49.78 9.48
CA GLN C 2 12.13 49.51 9.99
C GLN C 2 11.27 49.24 8.76
N ASN C 3 11.44 50.04 7.72
CA ASN C 3 10.63 49.98 6.49
C ASN C 3 10.86 48.64 5.79
N VAL C 4 12.10 48.19 5.69
CA VAL C 4 12.34 46.87 5.04
C VAL C 4 11.69 45.78 5.86
N LEU C 5 11.77 45.87 7.18
CA LEU C 5 11.10 44.79 7.95
C LEU C 5 9.60 44.79 7.65
N TYR C 6 8.94 45.94 7.59
CA TYR C 6 7.50 45.92 7.26
C TYR C 6 7.27 45.39 5.85
N GLU C 7 8.15 45.70 4.91
CA GLU C 7 7.92 45.21 3.54
C GLU C 7 7.97 43.68 3.55
N ASN C 8 8.93 43.10 4.26
CA ASN C 8 9.00 41.63 4.29
C ASN C 8 7.70 41.08 4.86
N GLN C 9 7.15 41.76 5.86
CA GLN C 9 5.89 41.35 6.42
C GLN C 9 4.76 41.42 5.40
N LYS C 10 4.67 42.51 4.64
CA LYS C 10 3.66 42.61 3.58
C LYS C 10 3.81 41.49 2.57
N LEU C 11 5.04 41.16 2.22
CA LEU C 11 5.29 40.11 1.24
C LEU C 11 4.85 38.75 1.77
N ILE C 12 5.20 38.44 3.02
CA ILE C 12 4.84 37.15 3.59
C ILE C 12 3.33 37.01 3.69
N ALA C 13 2.64 38.07 4.15
CA ALA C 13 1.21 37.96 4.32
C ALA C 13 0.48 37.83 2.98
N ASN C 14 0.93 38.56 1.97
CA ASN C 14 0.24 38.51 0.68
C ASN C 14 0.43 37.18 -0.01
N GLN C 15 1.65 36.64 0.02
CA GLN C 15 1.91 35.35 -0.62
C GLN C 15 1.21 34.21 0.10
N PHE C 16 1.18 34.27 1.43
CA PHE C 16 0.44 33.30 2.22
C PHE C 16 -1.03 33.37 1.90
N ASN C 17 -1.56 34.60 1.79
CA ASN C 17 -3.00 34.74 1.57
C ASN C 17 -3.43 34.18 0.20
N SER C 18 -2.61 34.36 -0.83
CA SER C 18 -2.97 33.81 -2.13
C SER C 18 -2.85 32.29 -2.14
N ALA C 19 -1.78 31.75 -1.56
CA ALA C 19 -1.57 30.31 -1.53
C ALA C 19 -2.71 29.64 -0.76
N ILE C 20 -3.14 30.26 0.33
CA ILE C 20 -4.23 29.73 1.14
C ILE C 20 -5.50 29.61 0.31
N GLY C 21 -5.82 30.65 -0.46
CA GLY C 21 -6.98 30.60 -1.34
C GLY C 21 -6.90 29.53 -2.42
N LYS C 22 -5.73 29.36 -3.02
CA LYS C 22 -5.55 28.30 -4.00
C LYS C 22 -5.68 26.91 -3.38
N ILE C 23 -5.08 26.71 -2.19
CA ILE C 23 -5.16 25.41 -1.54
C ILE C 23 -6.59 25.08 -1.15
N GLN C 24 -7.29 26.06 -0.56
CA GLN C 24 -8.69 25.86 -0.23
C GLN C 24 -9.50 25.45 -1.45
N ASP C 25 -9.25 26.11 -2.58
CA ASP C 25 -9.99 25.82 -3.79
C ASP C 25 -9.74 24.39 -4.27
N SER C 26 -8.48 23.95 -4.19
CA SER C 26 -8.17 22.58 -4.56
C SER C 26 -8.76 21.58 -3.57
N LEU C 27 -8.90 21.96 -2.30
CA LEU C 27 -9.55 21.07 -1.35
C LEU C 27 -11.03 20.91 -1.66
N SER C 28 -11.67 21.99 -2.08
CA SER C 28 -13.09 21.90 -2.42
C SER C 28 -13.30 21.00 -3.63
N SER C 29 -12.38 21.07 -4.58
CA SER C 29 -12.44 20.20 -5.75
C SER C 29 -12.21 18.75 -5.35
N THR C 30 -11.32 18.52 -4.37
CA THR C 30 -11.10 17.16 -3.88
C THR C 30 -12.34 16.59 -3.22
N ALA C 31 -13.01 17.36 -2.36
CA ALA C 31 -14.25 16.87 -1.77
C ALA C 31 -15.30 16.57 -2.86
N SER C 32 -15.32 17.41 -3.89
CA SER C 32 -16.25 17.24 -4.98
C SER C 32 -15.94 15.96 -5.76
N ALA C 33 -14.67 15.73 -6.06
CA ALA C 33 -14.31 14.52 -6.77
C ALA C 33 -14.57 13.27 -5.93
N LEU C 34 -14.36 13.35 -4.61
CA LEU C 34 -14.59 12.19 -3.75
C LEU C 34 -16.08 11.81 -3.68
N GLY C 35 -16.96 12.81 -3.57
CA GLY C 35 -18.37 12.53 -3.48
C GLY C 35 -18.92 11.97 -4.77
N LYS C 36 -18.42 12.48 -5.91
CA LYS C 36 -18.84 11.94 -7.19
C LYS C 36 -18.40 10.50 -7.35
N LEU C 37 -17.18 10.18 -6.93
CA LEU C 37 -16.67 8.81 -6.98
C LEU C 37 -17.49 7.88 -6.07
N GLN C 38 -17.76 8.31 -4.83
CA GLN C 38 -18.59 7.50 -3.92
C GLN C 38 -19.94 7.21 -4.55
N ASP C 39 -20.51 8.22 -5.19
CA ASP C 39 -21.86 8.13 -5.81
C ASP C 39 -21.91 7.06 -6.88
N VAL C 40 -21.02 7.05 -7.84
CA VAL C 40 -21.12 6.03 -8.91
C VAL C 40 -20.57 4.70 -8.40
N VAL C 41 -19.69 4.68 -7.41
CA VAL C 41 -19.16 3.37 -6.97
C VAL C 41 -20.33 2.55 -6.40
N ASN C 42 -21.15 3.19 -5.58
CA ASN C 42 -22.32 2.60 -4.91
C ASN C 42 -23.41 2.29 -5.92
N GLN C 43 -23.61 3.15 -6.91
CA GLN C 43 -24.62 2.93 -7.96
C GLN C 43 -24.22 1.67 -8.74
N ASN C 44 -22.94 1.49 -9.01
CA ASN C 44 -22.39 0.34 -9.77
C ASN C 44 -22.45 -0.92 -8.93
N ALA C 45 -22.31 -0.78 -7.63
CA ALA C 45 -22.42 -1.91 -6.69
C ALA C 45 -23.85 -2.40 -6.69
N GLN C 46 -24.79 -1.47 -6.67
CA GLN C 46 -26.24 -1.79 -6.65
C GLN C 46 -26.60 -2.41 -7.99
N ALA C 47 -26.05 -1.89 -9.07
CA ALA C 47 -26.34 -2.42 -10.41
C ALA C 47 -25.82 -3.85 -10.48
N LEU C 48 -24.65 -4.13 -9.95
CA LEU C 48 -24.10 -5.50 -10.02
C LEU C 48 -24.93 -6.45 -9.18
N ASN C 49 -25.31 -6.05 -7.98
CA ASN C 49 -26.09 -6.89 -7.04
C ASN C 49 -27.45 -7.17 -7.63
N THR C 50 -28.03 -6.18 -8.27
CA THR C 50 -29.35 -6.30 -8.92
C THR C 50 -29.18 -7.25 -10.09
N LEU C 51 -28.07 -7.17 -10.82
CA LEU C 51 -27.90 -8.08 -11.96
C LEU C 51 -27.77 -9.48 -11.42
N VAL C 52 -26.96 -9.66 -10.40
CA VAL C 52 -26.76 -11.02 -9.85
C VAL C 52 -28.08 -11.58 -9.34
N LYS C 53 -28.91 -10.76 -8.74
CA LYS C 53 -30.16 -11.31 -8.26
C LYS C 53 -31.02 -11.83 -9.40
N GLN C 54 -31.11 -11.07 -10.48
CA GLN C 54 -31.90 -11.51 -11.62
C GLN C 54 -31.23 -12.65 -12.37
N LEU C 55 -29.90 -12.67 -12.43
CA LEU C 55 -29.23 -13.78 -13.10
C LEU C 55 -29.51 -15.10 -12.39
N SER C 56 -29.52 -15.08 -11.06
CA SER C 56 -29.78 -16.27 -10.26
C SER C 56 -31.19 -16.80 -10.52
N SER C 57 -32.18 -15.89 -10.57
CA SER C 57 -33.55 -16.30 -10.87
C SER C 57 -33.68 -16.83 -12.29
N ASN C 58 -33.05 -16.17 -13.26
CA ASN C 58 -33.16 -16.62 -14.65
C ASN C 58 -32.53 -17.98 -14.85
N PHE C 59 -31.40 -18.23 -14.20
CA PHE C 59 -30.75 -19.53 -14.33
C PHE C 59 -31.58 -20.65 -13.71
N GLY C 60 -32.33 -20.35 -12.64
CA GLY C 60 -33.18 -21.37 -12.06
C GLY C 60 -34.35 -21.75 -12.97
N ALA C 61 -34.99 -20.75 -13.59
CA ALA C 61 -36.06 -21.04 -14.54
C ALA C 61 -35.52 -21.79 -15.75
N ILE C 62 -34.30 -21.44 -16.13
CA ILE C 62 -33.65 -22.11 -17.29
C ILE C 62 -33.33 -23.54 -16.88
N SER C 63 -32.84 -23.74 -15.67
CA SER C 63 -32.50 -25.11 -15.24
C SER C 63 -33.78 -25.94 -15.20
N SER C 64 -34.84 -25.39 -14.63
CA SER C 64 -36.08 -26.18 -14.48
C SER C 64 -36.64 -26.52 -15.85
N VAL C 65 -36.71 -25.53 -16.73
CA VAL C 65 -37.30 -25.76 -18.07
C VAL C 65 -36.47 -26.81 -18.83
N LEU C 66 -35.16 -26.82 -18.70
CA LEU C 66 -34.37 -27.86 -19.39
C LEU C 66 -34.66 -29.19 -18.71
N ASN C 67 -34.73 -29.13 -17.40
CA ASN C 67 -34.86 -30.34 -16.55
C ASN C 67 -36.12 -31.12 -16.83
N ASP C 68 -37.27 -30.46 -17.06
CA ASP C 68 -38.53 -31.22 -17.24
C ASP C 68 -38.38 -32.32 -18.29
N ILE C 69 -37.55 -32.09 -19.29
CA ILE C 69 -37.33 -33.19 -20.27
C ILE C 69 -36.36 -34.20 -19.66
N VAL C 84 -30.41 -28.32 -13.84
CA VAL C 84 -29.60 -29.58 -13.85
C VAL C 84 -28.20 -29.24 -13.36
N ASP C 85 -28.09 -29.04 -12.06
CA ASP C 85 -26.80 -28.71 -11.38
C ASP C 85 -26.18 -27.44 -11.95
N LEU C 86 -26.98 -26.39 -12.15
CA LEU C 86 -26.39 -25.11 -12.60
C LEU C 86 -25.84 -24.36 -11.38
N GLY C 87 -24.57 -23.97 -11.45
CA GLY C 87 -23.86 -23.28 -10.35
C GLY C 87 -24.55 -22.03 -9.84
N ASP C 88 -24.64 -21.91 -8.52
CA ASP C 88 -25.26 -20.72 -7.86
C ASP C 88 -24.27 -19.57 -7.92
N ILE C 89 -24.74 -18.38 -8.28
CA ILE C 89 -23.82 -17.22 -8.29
C ILE C 89 -24.36 -16.22 -7.28
N SER C 90 -25.36 -16.63 -6.52
CA SER C 90 -25.96 -15.66 -5.57
C SER C 90 -24.97 -15.17 -4.51
N GLY C 91 -23.93 -15.93 -4.20
CA GLY C 91 -22.96 -15.48 -3.18
C GLY C 91 -22.09 -14.33 -3.63
N ILE C 92 -22.00 -14.03 -4.94
CA ILE C 92 -21.16 -12.91 -5.37
C ILE C 92 -21.85 -11.61 -4.98
N ASN C 93 -21.13 -10.76 -4.27
CA ASN C 93 -21.69 -9.54 -3.72
C ASN C 93 -20.76 -8.37 -3.96
N ALA C 94 -21.36 -7.23 -4.26
CA ALA C 94 -20.63 -5.96 -4.40
C ALA C 94 -20.77 -5.13 -3.12
N SER C 95 -19.64 -4.69 -2.56
CA SER C 95 -19.61 -3.85 -1.36
C SER C 95 -19.94 -2.40 -1.68
N VAL C 96 -20.38 -1.67 -0.67
CA VAL C 96 -20.56 -0.23 -0.82
C VAL C 96 -19.43 0.49 -0.10
N VAL C 97 -19.26 1.75 -0.44
CA VAL C 97 -18.22 2.57 0.16
C VAL C 97 -18.91 3.67 0.96
N ASN C 98 -18.25 4.08 2.05
CA ASN C 98 -18.75 5.17 2.89
C ASN C 98 -17.57 6.07 3.29
N ILE C 99 -17.40 7.21 2.63
CA ILE C 99 -16.32 8.17 2.97
C ILE C 99 -16.96 9.51 3.27
N GLN C 100 -18.24 9.53 3.63
CA GLN C 100 -18.97 10.78 3.87
C GLN C 100 -18.33 11.52 5.03
N LYS C 101 -17.89 10.84 6.06
CA LYS C 101 -17.25 11.51 7.21
C LYS C 101 -16.01 12.22 6.70
N GLU C 102 -15.21 11.56 5.88
CA GLU C 102 -13.98 12.17 5.35
C GLU C 102 -14.36 13.37 4.50
N ILE C 103 -15.37 13.24 3.67
CA ILE C 103 -15.76 14.36 2.78
C ILE C 103 -16.20 15.53 3.63
N ASP C 104 -16.96 15.26 4.68
CA ASP C 104 -17.52 16.30 5.55
C ASP C 104 -16.34 17.00 6.18
N ARG C 105 -15.34 16.26 6.65
CA ARG C 105 -14.19 16.87 7.33
C ARG C 105 -13.48 17.77 6.33
N LEU C 106 -13.30 17.31 5.11
CA LEU C 106 -12.59 18.07 4.06
C LEU C 106 -13.33 19.39 3.87
N ASN C 107 -14.64 19.33 3.74
CA ASN C 107 -15.42 20.56 3.49
C ASN C 107 -15.31 21.48 4.69
N GLU C 108 -15.36 20.93 5.89
CA GLU C 108 -15.34 21.72 7.13
C GLU C 108 -14.03 22.47 7.16
N VAL C 109 -12.97 21.76 6.88
CA VAL C 109 -11.64 22.38 6.97
C VAL C 109 -11.48 23.39 5.86
N ALA C 110 -12.04 23.14 4.70
CA ALA C 110 -11.97 24.09 3.57
C ALA C 110 -12.64 25.39 3.99
N LYS C 111 -13.77 25.33 4.68
CA LYS C 111 -14.49 26.56 5.07
C LYS C 111 -13.69 27.25 6.17
N ASN C 112 -12.92 26.51 6.95
CA ASN C 112 -12.16 27.09 8.04
C ASN C 112 -11.03 27.99 7.58
N LEU C 113 -10.54 27.77 6.37
CA LEU C 113 -9.38 28.50 5.91
C LEU C 113 -9.67 29.99 5.77
N ASN C 114 -10.95 30.39 5.77
CA ASN C 114 -11.28 31.81 5.77
C ASN C 114 -10.68 32.52 6.97
N GLU C 115 -10.65 31.83 8.10
CA GLU C 115 -10.21 32.43 9.35
C GLU C 115 -8.69 32.52 9.43
N SER C 116 -7.98 31.93 8.49
CA SER C 116 -6.52 31.96 8.49
C SER C 116 -5.91 33.08 7.67
N LEU C 117 -6.71 33.98 7.10
CA LEU C 117 -6.11 35.09 6.38
C LEU C 117 -5.38 36.04 7.34
N ILE C 118 -4.33 36.65 6.85
CA ILE C 118 -3.48 37.54 7.64
C ILE C 118 -3.86 38.97 7.33
N ASP C 119 -4.25 39.73 8.35
CA ASP C 119 -4.65 41.13 8.16
C ASP C 119 -3.69 41.98 8.98
N LEU C 120 -2.68 42.50 8.29
CA LEU C 120 -1.59 43.20 8.95
C LEU C 120 -2.03 44.58 9.38
N GLN C 121 -1.43 45.06 10.47
CA GLN C 121 -1.57 46.44 10.91
C GLN C 121 -0.59 47.32 10.16
N GLU C 122 -1.04 48.51 9.76
CA GLU C 122 -0.14 49.45 9.11
C GLU C 122 0.72 50.16 10.16
N LEU C 123 1.75 50.87 9.68
CA LEU C 123 2.61 51.69 10.54
C LEU C 123 2.04 53.09 10.84
N ASN C 135 15.48 31.68 21.22
CA ASN C 135 14.63 31.57 22.42
C ASN C 135 13.51 30.58 22.16
N VAL C 136 12.69 30.36 23.16
CA VAL C 136 11.56 29.40 23.17
C VAL C 136 10.62 29.68 22.01
N LEU C 137 10.32 30.94 21.73
CA LEU C 137 9.36 31.24 20.64
C LEU C 137 9.88 30.67 19.33
N TYR C 138 11.15 30.89 19.03
CA TYR C 138 11.77 30.41 17.79
C TYR C 138 11.88 28.89 17.75
N GLU C 139 12.30 28.29 18.85
CA GLU C 139 12.39 26.81 18.94
C GLU C 139 11.00 26.21 18.84
N ASN C 140 9.99 26.84 19.43
CA ASN C 140 8.64 26.29 19.33
C ASN C 140 8.20 26.36 17.87
N GLN C 141 8.57 27.42 17.14
CA GLN C 141 8.17 27.50 15.72
C GLN C 141 8.82 26.35 14.98
N LYS C 142 10.09 26.08 15.24
CA LYS C 142 10.73 24.94 14.55
C LYS C 142 10.06 23.64 14.95
N LEU C 143 9.70 23.51 16.20
CA LEU C 143 9.06 22.26 16.62
C LEU C 143 7.77 22.08 15.85
N ILE C 144 6.95 23.12 15.72
CA ILE C 144 5.67 22.99 14.97
C ILE C 144 5.95 22.65 13.51
N ALA C 145 6.96 23.28 12.93
CA ALA C 145 7.26 22.99 11.53
C ALA C 145 7.64 21.54 11.38
N ASN C 146 8.52 21.07 12.25
CA ASN C 146 9.03 19.68 12.19
C ASN C 146 7.90 18.69 12.46
N GLN C 147 6.97 19.03 13.33
CA GLN C 147 5.87 18.11 13.60
C GLN C 147 5.08 17.91 12.32
N PHE C 148 4.84 18.99 11.57
CA PHE C 148 4.08 18.96 10.30
C PHE C 148 4.81 18.13 9.23
N ASN C 149 6.13 18.23 9.15
CA ASN C 149 6.87 17.49 8.15
C ASN C 149 6.66 16.00 8.31
N SER C 150 6.74 15.53 9.55
CA SER C 150 6.62 14.10 9.75
C SER C 150 5.20 13.65 9.50
N ALA C 151 4.22 14.49 9.85
CA ALA C 151 2.82 14.15 9.64
C ALA C 151 2.48 14.15 8.16
N ILE C 152 2.94 15.16 7.43
CA ILE C 152 2.74 15.21 6.00
C ILE C 152 3.49 14.08 5.31
N GLY C 153 4.61 13.64 5.87
CA GLY C 153 5.32 12.51 5.29
C GLY C 153 4.51 11.22 5.34
N LYS C 154 3.80 10.99 6.45
CA LYS C 154 2.98 9.79 6.55
C LYS C 154 1.76 9.86 5.62
N ILE C 155 1.19 11.05 5.47
CA ILE C 155 0.06 11.27 4.55
C ILE C 155 0.53 11.07 3.11
N GLN C 156 1.71 11.60 2.77
CA GLN C 156 2.28 11.35 1.46
C GLN C 156 2.55 9.87 1.26
N ASP C 157 2.93 9.15 2.33
CA ASP C 157 3.15 7.71 2.27
C ASP C 157 1.86 6.99 1.96
N SER C 158 0.76 7.44 2.55
CA SER C 158 -0.52 6.84 2.28
C SER C 158 -0.94 7.08 0.83
N LEU C 159 -0.72 8.30 0.33
CA LEU C 159 -1.08 8.59 -1.05
C LEU C 159 -0.25 7.78 -2.04
N SER C 160 1.05 7.70 -1.80
CA SER C 160 1.93 6.91 -2.69
C SER C 160 1.52 5.44 -2.62
N SER C 161 1.14 4.95 -1.46
CA SER C 161 0.73 3.54 -1.35
C SER C 161 -0.52 3.28 -2.17
N THR C 162 -1.49 4.19 -2.07
CA THR C 162 -2.73 4.10 -2.80
C THR C 162 -2.51 4.18 -4.30
N ALA C 163 -1.66 5.10 -4.74
CA ALA C 163 -1.36 5.19 -6.16
C ALA C 163 -0.75 3.90 -6.67
N SER C 164 0.10 3.28 -5.85
CA SER C 164 0.67 1.99 -6.22
C SER C 164 -0.40 0.92 -6.31
N ALA C 165 -1.31 0.90 -5.36
CA ALA C 165 -2.40 -0.07 -5.36
C ALA C 165 -3.34 0.15 -6.53
N LEU C 166 -3.56 1.40 -6.95
CA LEU C 166 -4.42 1.67 -8.09
C LEU C 166 -3.78 1.21 -9.39
N GLY C 167 -2.45 1.37 -9.52
CA GLY C 167 -1.77 0.90 -10.71
C GLY C 167 -1.83 -0.61 -10.86
N LYS C 168 -1.62 -1.35 -9.76
CA LYS C 168 -1.76 -2.81 -9.79
C LYS C 168 -3.20 -3.23 -10.05
N LEU C 169 -4.15 -2.46 -9.52
CA LEU C 169 -5.56 -2.73 -9.81
C LEU C 169 -5.89 -2.49 -11.28
N GLN C 170 -5.33 -1.42 -11.87
CA GLN C 170 -5.56 -1.16 -13.28
C GLN C 170 -5.03 -2.31 -14.16
N ASP C 171 -3.86 -2.86 -13.82
CA ASP C 171 -3.37 -4.01 -14.56
C ASP C 171 -4.32 -5.19 -14.44
N VAL C 172 -4.77 -5.48 -13.23
CA VAL C 172 -5.65 -6.63 -13.04
C VAL C 172 -6.93 -6.43 -13.83
N VAL C 173 -7.49 -5.22 -13.79
CA VAL C 173 -8.72 -4.98 -14.53
C VAL C 173 -8.49 -5.10 -16.03
N ASN C 174 -7.27 -4.80 -16.50
CA ASN C 174 -6.92 -5.00 -17.90
C ASN C 174 -6.82 -6.48 -18.26
N GLN C 175 -6.18 -7.26 -17.38
CA GLN C 175 -6.01 -8.70 -17.61
C GLN C 175 -7.36 -9.41 -17.69
N ASN C 176 -8.28 -8.99 -16.84
CA ASN C 176 -9.66 -9.44 -16.64
C ASN C 176 -10.58 -9.06 -17.81
N ALA C 177 -10.11 -8.18 -18.71
CA ALA C 177 -10.86 -7.86 -19.92
C ALA C 177 -10.94 -9.04 -20.91
N GLN C 178 -9.82 -9.78 -20.92
CA GLN C 178 -9.62 -10.97 -21.76
C GLN C 178 -10.71 -11.97 -21.41
N ALA C 179 -10.99 -12.16 -20.14
CA ALA C 179 -12.06 -13.12 -19.78
C ALA C 179 -13.38 -12.58 -20.28
N LEU C 180 -13.62 -11.29 -20.17
CA LEU C 180 -14.92 -10.77 -20.63
C LEU C 180 -15.02 -10.94 -22.13
N ASN C 181 -13.94 -10.68 -22.85
CA ASN C 181 -13.93 -10.83 -24.33
C ASN C 181 -14.16 -12.30 -24.65
N THR C 182 -13.51 -13.17 -23.89
CA THR C 182 -13.69 -14.61 -24.13
C THR C 182 -15.15 -14.94 -23.93
N LEU C 183 -15.70 -14.49 -22.81
CA LEU C 183 -17.12 -14.77 -22.51
C LEU C 183 -17.99 -14.28 -23.67
N VAL C 184 -17.88 -13.01 -24.07
CA VAL C 184 -18.80 -12.53 -25.13
C VAL C 184 -18.62 -13.32 -26.43
N LYS C 185 -17.37 -13.49 -26.88
CA LYS C 185 -17.13 -14.22 -28.13
C LYS C 185 -17.64 -15.66 -27.99
N GLN C 186 -17.40 -16.30 -26.85
CA GLN C 186 -17.80 -17.73 -26.71
C GLN C 186 -19.31 -17.81 -26.74
N LEU C 187 -19.99 -16.84 -26.13
CA LEU C 187 -21.46 -16.78 -26.06
C LEU C 187 -22.11 -16.71 -27.46
N SER C 188 -21.62 -15.84 -28.33
CA SER C 188 -22.25 -15.57 -29.65
C SER C 188 -22.24 -16.81 -30.50
N SER C 189 -21.09 -17.46 -30.58
CA SER C 189 -20.93 -18.62 -31.48
C SER C 189 -21.87 -19.74 -31.07
N ASN C 190 -21.82 -20.10 -29.79
CA ASN C 190 -22.60 -21.25 -29.30
C ASN C 190 -24.09 -20.98 -29.48
N PHE C 191 -24.56 -19.81 -29.05
CA PHE C 191 -26.01 -19.58 -29.06
C PHE C 191 -26.53 -19.43 -30.50
N GLY C 192 -25.80 -18.73 -31.36
CA GLY C 192 -26.30 -18.57 -32.74
C GLY C 192 -26.38 -19.90 -33.45
N ALA C 193 -25.26 -20.62 -33.60
CA ALA C 193 -25.18 -21.92 -34.32
C ALA C 193 -26.35 -22.85 -33.97
N ILE C 194 -26.61 -23.00 -32.68
CA ILE C 194 -27.65 -23.92 -32.11
C ILE C 194 -29.06 -23.57 -32.60
N SER C 195 -29.44 -22.30 -32.70
CA SER C 195 -30.82 -21.93 -33.13
C SER C 195 -31.08 -22.42 -34.55
N SER C 196 -30.19 -22.11 -35.48
CA SER C 196 -30.39 -22.51 -36.90
C SER C 196 -30.44 -24.04 -36.94
N VAL C 197 -29.36 -24.65 -36.43
CA VAL C 197 -29.21 -26.13 -36.33
C VAL C 197 -30.54 -26.66 -35.79
N LEU C 198 -31.09 -25.95 -34.83
CA LEU C 198 -32.37 -26.35 -34.23
C LEU C 198 -33.45 -26.29 -35.31
N ASN C 199 -33.41 -25.25 -36.13
CA ASN C 199 -34.35 -25.05 -37.26
C ASN C 199 -34.13 -26.16 -38.28
N ASP C 200 -32.89 -26.61 -38.49
CA ASP C 200 -32.61 -27.72 -39.43
C ASP C 200 -33.35 -28.94 -38.92
N ILE C 201 -33.28 -29.21 -37.61
CA ILE C 201 -33.98 -30.38 -36.99
C ILE C 201 -35.48 -30.19 -37.17
N THR D 1 17.61 43.68 18.08
CA THR D 1 16.15 43.53 18.21
C THR D 1 15.52 43.45 16.82
N GLN D 2 15.98 44.30 15.92
CA GLN D 2 15.54 44.27 14.52
C GLN D 2 15.96 42.89 13.99
N ASN D 3 17.09 42.38 14.46
CA ASN D 3 17.58 41.09 14.01
C ASN D 3 16.74 39.95 14.53
N VAL D 4 16.01 40.15 15.63
CA VAL D 4 15.15 39.08 16.12
C VAL D 4 13.89 38.96 15.28
N LEU D 5 13.36 40.10 14.80
CA LEU D 5 12.24 40.05 13.88
C LEU D 5 12.66 39.47 12.53
N TYR D 6 13.85 39.85 12.05
CA TYR D 6 14.33 39.34 10.78
C TYR D 6 14.65 37.85 10.85
N GLU D 7 15.15 37.37 11.99
CA GLU D 7 15.44 35.95 12.11
C GLU D 7 14.15 35.15 12.05
N ASN D 8 13.07 35.73 12.60
CA ASN D 8 11.76 35.11 12.54
C ASN D 8 11.21 35.13 11.12
N GLN D 9 11.38 36.26 10.41
CA GLN D 9 10.95 36.33 9.03
C GLN D 9 11.62 35.27 8.18
N LYS D 10 12.93 35.09 8.34
CA LYS D 10 13.62 34.03 7.62
C LYS D 10 13.06 32.67 7.98
N LEU D 11 12.79 32.43 9.27
CA LEU D 11 12.33 31.12 9.67
C LEU D 11 10.92 30.86 9.10
N ILE D 12 10.02 31.82 9.29
CA ILE D 12 8.66 31.65 8.80
C ILE D 12 8.66 31.56 7.26
N ALA D 13 9.50 32.35 6.58
CA ALA D 13 9.54 32.29 5.13
C ALA D 13 10.10 30.97 4.64
N ASN D 14 11.13 30.43 5.32
CA ASN D 14 11.64 29.14 4.88
C ASN D 14 10.65 28.02 5.16
N GLN D 15 9.97 28.06 6.31
CA GLN D 15 8.97 27.03 6.60
C GLN D 15 7.79 27.11 5.64
N PHE D 16 7.43 28.31 5.19
CA PHE D 16 6.37 28.44 4.21
C PHE D 16 6.75 27.78 2.88
N ASN D 17 7.95 28.07 2.37
CA ASN D 17 8.33 27.51 1.09
C ASN D 17 8.42 26.00 1.16
N SER D 18 8.93 25.49 2.27
CA SER D 18 9.03 24.05 2.40
C SER D 18 7.65 23.42 2.47
N ALA D 19 6.73 24.03 3.22
CA ALA D 19 5.39 23.48 3.33
C ALA D 19 4.68 23.47 1.98
N ILE D 20 4.83 24.57 1.22
CA ILE D 20 4.18 24.65 -0.08
C ILE D 20 4.65 23.51 -0.98
N GLY D 21 5.97 23.28 -1.02
CA GLY D 21 6.48 22.17 -1.80
C GLY D 21 5.89 20.84 -1.38
N LYS D 22 5.71 20.62 -0.08
CA LYS D 22 5.10 19.40 0.39
C LYS D 22 3.64 19.31 -0.04
N ILE D 23 2.90 20.42 0.03
CA ILE D 23 1.46 20.45 -0.32
C ILE D 23 1.33 20.06 -1.78
N GLN D 24 2.19 20.61 -2.61
CA GLN D 24 2.17 20.42 -4.08
C GLN D 24 2.36 18.96 -4.43
N ASP D 25 3.29 18.30 -3.78
CA ASP D 25 3.57 16.89 -4.10
C ASP D 25 2.37 16.07 -3.72
N SER D 26 1.73 16.36 -2.59
CA SER D 26 0.56 15.62 -2.19
C SER D 26 -0.66 15.97 -3.04
N LEU D 27 -0.76 17.22 -3.53
CA LEU D 27 -1.88 17.57 -4.41
C LEU D 27 -1.79 16.86 -5.74
N SER D 28 -0.59 16.79 -6.32
CA SER D 28 -0.43 16.10 -7.59
C SER D 28 -0.63 14.59 -7.42
N SER D 29 -0.24 14.03 -6.27
CA SER D 29 -0.54 12.63 -5.98
C SER D 29 -2.03 12.41 -5.82
N THR D 30 -2.72 13.38 -5.21
CA THR D 30 -4.16 13.26 -5.09
C THR D 30 -4.80 13.29 -6.48
N ALA D 31 -4.35 14.21 -7.34
CA ALA D 31 -4.86 14.27 -8.71
C ALA D 31 -4.55 12.97 -9.45
N SER D 32 -3.36 12.42 -9.23
CA SER D 32 -3.00 11.18 -9.90
C SER D 32 -3.87 10.03 -9.43
N ALA D 33 -4.13 9.95 -8.13
CA ALA D 33 -4.99 8.87 -7.64
C ALA D 33 -6.42 9.03 -8.13
N LEU D 34 -6.91 10.27 -8.20
CA LEU D 34 -8.27 10.45 -8.69
C LEU D 34 -8.40 10.05 -10.14
N GLY D 35 -7.36 10.32 -10.95
CA GLY D 35 -7.42 9.95 -12.36
C GLY D 35 -7.42 8.45 -12.57
N LYS D 36 -6.60 7.72 -11.81
CA LYS D 36 -6.58 6.27 -11.91
C LYS D 36 -7.90 5.69 -11.42
N LEU D 37 -8.47 6.27 -10.35
CA LEU D 37 -9.75 5.80 -9.85
C LEU D 37 -10.86 5.99 -10.88
N GLN D 38 -10.89 7.18 -11.50
CA GLN D 38 -11.87 7.44 -12.56
C GLN D 38 -11.78 6.41 -13.67
N ASP D 39 -10.55 6.08 -14.07
CA ASP D 39 -10.31 5.18 -15.17
C ASP D 39 -10.82 3.79 -14.86
N VAL D 40 -10.52 3.27 -13.70
CA VAL D 40 -10.91 1.86 -13.43
C VAL D 40 -12.38 1.80 -13.08
N VAL D 41 -12.95 2.82 -12.48
CA VAL D 41 -14.40 2.77 -12.18
C VAL D 41 -15.13 2.74 -13.51
N ASN D 42 -14.72 3.60 -14.43
CA ASN D 42 -15.34 3.74 -15.78
C ASN D 42 -15.12 2.46 -16.57
N GLN D 43 -13.94 1.85 -16.51
CA GLN D 43 -13.67 0.61 -17.27
C GLN D 43 -14.59 -0.48 -16.73
N ASN D 44 -14.74 -0.52 -15.41
CA ASN D 44 -15.56 -1.53 -14.73
C ASN D 44 -17.02 -1.32 -15.07
N ALA D 45 -17.44 -0.08 -15.20
CA ALA D 45 -18.84 0.26 -15.46
C ALA D 45 -19.18 -0.14 -16.89
N GLN D 46 -18.31 0.15 -17.84
CA GLN D 46 -18.57 -0.19 -19.25
C GLN D 46 -18.53 -1.70 -19.42
N ALA D 47 -17.71 -2.40 -18.64
CA ALA D 47 -17.64 -3.88 -18.66
C ALA D 47 -18.97 -4.43 -18.18
N LEU D 48 -19.55 -3.81 -17.17
CA LEU D 48 -20.87 -4.20 -16.63
C LEU D 48 -21.94 -3.99 -17.68
N ASN D 49 -21.88 -2.88 -18.39
CA ASN D 49 -22.87 -2.47 -19.41
C ASN D 49 -22.77 -3.43 -20.60
N THR D 50 -21.55 -3.79 -20.96
CA THR D 50 -21.32 -4.73 -22.04
C THR D 50 -21.91 -6.09 -21.68
N LEU D 51 -21.68 -6.54 -20.45
CA LEU D 51 -22.25 -7.80 -19.98
C LEU D 51 -23.77 -7.77 -20.02
N VAL D 52 -24.37 -6.68 -19.56
CA VAL D 52 -25.84 -6.61 -19.54
C VAL D 52 -26.40 -6.70 -20.95
N LYS D 53 -25.81 -5.97 -21.90
CA LYS D 53 -26.32 -5.94 -23.27
C LYS D 53 -26.24 -7.32 -23.92
N GLN D 54 -25.07 -7.94 -23.81
CA GLN D 54 -24.85 -9.27 -24.41
C GLN D 54 -25.71 -10.31 -23.69
N LEU D 55 -25.81 -10.24 -22.37
CA LEU D 55 -26.64 -11.26 -21.69
C LEU D 55 -28.08 -11.14 -22.16
N SER D 56 -28.64 -9.93 -22.18
CA SER D 56 -30.06 -9.78 -22.53
C SER D 56 -30.27 -10.34 -23.92
N SER D 57 -29.38 -10.05 -24.84
CA SER D 57 -29.57 -10.58 -26.20
C SER D 57 -29.51 -12.11 -26.14
N ASN D 58 -28.52 -12.69 -25.45
CA ASN D 58 -28.50 -14.18 -25.46
C ASN D 58 -29.69 -14.75 -24.71
N PHE D 59 -30.13 -14.09 -23.66
CA PHE D 59 -31.29 -14.67 -22.94
C PHE D 59 -32.49 -14.72 -23.87
N GLY D 60 -32.67 -13.69 -24.69
CA GLY D 60 -33.81 -13.72 -25.62
C GLY D 60 -33.62 -14.86 -26.58
N ALA D 61 -32.40 -15.03 -27.09
CA ALA D 61 -32.13 -16.12 -28.04
C ALA D 61 -32.38 -17.44 -27.32
N ILE D 62 -31.93 -17.57 -26.08
CA ILE D 62 -32.18 -18.85 -25.38
C ILE D 62 -33.68 -19.01 -25.17
N SER D 63 -34.39 -17.93 -24.85
CA SER D 63 -35.84 -18.09 -24.61
C SER D 63 -36.49 -18.64 -25.88
N SER D 64 -36.13 -18.07 -27.03
CA SER D 64 -36.68 -18.55 -28.31
C SER D 64 -36.44 -20.05 -28.47
N VAL D 65 -35.19 -20.48 -28.38
CA VAL D 65 -34.81 -21.91 -28.57
C VAL D 65 -35.67 -22.80 -27.67
N LEU D 66 -35.77 -22.49 -26.38
CA LEU D 66 -36.55 -23.37 -25.49
C LEU D 66 -38.03 -23.39 -25.91
N ASN D 67 -38.60 -22.24 -26.28
CA ASN D 67 -40.04 -22.20 -26.64
C ASN D 67 -40.31 -23.08 -27.87
N ASP D 68 -39.40 -23.08 -28.83
CA ASP D 68 -39.56 -23.92 -30.04
C ASP D 68 -39.67 -25.39 -29.63
N ILE D 69 -38.76 -25.85 -28.78
CA ILE D 69 -38.78 -27.26 -28.31
C ILE D 69 -40.07 -27.51 -27.53
N ASP D 83 -44.00 -21.20 -22.41
CA ASP D 83 -43.92 -19.76 -22.04
C ASP D 83 -42.74 -19.53 -21.09
N VAL D 84 -41.51 -19.53 -21.61
CA VAL D 84 -40.35 -19.37 -20.70
C VAL D 84 -40.43 -18.01 -19.97
N ASP D 85 -40.70 -16.92 -20.70
CA ASP D 85 -40.88 -15.57 -20.09
C ASP D 85 -39.75 -15.25 -19.11
N LEU D 86 -38.52 -15.11 -19.60
CA LEU D 86 -37.31 -14.92 -18.76
C LEU D 86 -37.32 -13.65 -17.91
N GLY D 87 -37.78 -12.54 -18.44
CA GLY D 87 -37.70 -11.28 -17.68
C GLY D 87 -36.55 -10.45 -18.22
N ASP D 88 -36.59 -9.13 -18.09
CA ASP D 88 -35.59 -8.35 -18.87
C ASP D 88 -34.62 -7.52 -18.02
N ILE D 89 -33.33 -7.77 -18.18
CA ILE D 89 -32.25 -7.09 -17.40
C ILE D 89 -31.66 -5.96 -18.24
N SER D 90 -32.26 -5.65 -19.38
CA SER D 90 -31.70 -4.63 -20.30
C SER D 90 -31.67 -3.24 -19.66
N GLY D 91 -32.59 -2.94 -18.77
CA GLY D 91 -32.59 -1.66 -18.05
C GLY D 91 -31.45 -1.52 -17.08
N ILE D 92 -30.88 -2.61 -16.58
CA ILE D 92 -29.80 -2.45 -15.58
C ILE D 92 -28.67 -1.70 -16.27
N ASN D 93 -28.18 -0.60 -15.71
CA ASN D 93 -27.12 0.21 -16.35
C ASN D 93 -26.16 0.69 -15.26
N ALA D 94 -24.86 0.62 -15.48
CA ALA D 94 -23.84 1.13 -14.55
C ALA D 94 -23.53 2.55 -14.99
N SER D 95 -23.55 3.52 -14.08
CA SER D 95 -23.28 4.93 -14.39
C SER D 95 -21.78 5.13 -14.55
N VAL D 96 -21.37 6.14 -15.28
CA VAL D 96 -19.94 6.49 -15.43
C VAL D 96 -19.69 7.76 -14.63
N VAL D 97 -18.43 8.00 -14.28
CA VAL D 97 -18.06 9.16 -13.46
C VAL D 97 -17.16 10.10 -14.27
N ASN D 98 -17.25 11.38 -14.03
CA ASN D 98 -16.39 12.38 -14.67
C ASN D 98 -15.95 13.41 -13.62
N ILE D 99 -14.69 13.34 -13.21
CA ILE D 99 -14.11 14.25 -12.24
C ILE D 99 -12.92 15.02 -12.82
N GLN D 100 -12.89 15.13 -14.15
CA GLN D 100 -11.75 15.74 -14.82
C GLN D 100 -11.58 17.22 -14.46
N LYS D 101 -12.68 17.95 -14.22
CA LYS D 101 -12.59 19.36 -13.87
C LYS D 101 -11.81 19.52 -12.57
N GLU D 102 -12.13 18.67 -11.59
CA GLU D 102 -11.48 18.70 -10.30
C GLU D 102 -10.03 18.24 -10.42
N ILE D 103 -9.73 17.28 -11.28
CA ILE D 103 -8.33 16.82 -11.47
C ILE D 103 -7.48 17.92 -12.09
N ASP D 104 -8.04 18.59 -13.10
CA ASP D 104 -7.33 19.67 -13.81
C ASP D 104 -7.07 20.77 -12.81
N ARG D 105 -8.06 21.10 -12.00
CA ARG D 105 -7.93 22.16 -10.99
C ARG D 105 -6.81 21.79 -10.03
N LEU D 106 -6.73 20.53 -9.58
CA LEU D 106 -5.67 20.19 -8.61
C LEU D 106 -4.30 20.40 -9.25
N ASN D 107 -4.15 19.97 -10.50
CA ASN D 107 -2.83 20.09 -11.18
C ASN D 107 -2.49 21.57 -11.35
N GLU D 108 -3.51 22.36 -11.66
CA GLU D 108 -3.34 23.80 -11.92
C GLU D 108 -2.81 24.40 -10.64
N VAL D 109 -3.45 24.04 -9.53
CA VAL D 109 -3.12 24.63 -8.23
C VAL D 109 -1.71 24.25 -7.90
N ALA D 110 -1.26 23.03 -8.16
CA ALA D 110 0.12 22.68 -7.77
C ALA D 110 1.12 23.59 -8.51
N LYS D 111 0.93 23.80 -9.81
CA LYS D 111 1.88 24.68 -10.51
C LYS D 111 1.74 26.13 -10.05
N ASN D 112 0.52 26.54 -9.78
CA ASN D 112 0.22 27.90 -9.32
C ASN D 112 0.87 28.11 -7.93
N LEU D 113 0.96 27.06 -7.10
CA LEU D 113 1.59 27.09 -5.78
C LEU D 113 3.06 27.42 -6.00
N ASN D 114 3.70 26.93 -7.07
CA ASN D 114 5.07 27.40 -7.38
C ASN D 114 5.05 28.91 -7.56
N GLU D 115 4.06 29.47 -8.23
CA GLU D 115 4.05 30.97 -8.28
C GLU D 115 3.97 31.62 -6.89
N SER D 116 3.32 31.06 -5.85
CA SER D 116 3.20 31.76 -4.51
C SER D 116 4.34 31.68 -3.45
N LEU D 117 5.60 31.44 -3.80
CA LEU D 117 6.83 31.29 -2.98
C LEU D 117 7.32 32.63 -2.47
N ILE D 118 8.14 32.58 -1.43
CA ILE D 118 8.59 33.86 -0.79
C ILE D 118 10.08 34.06 -0.94
N ASP D 119 10.48 35.22 -1.44
CA ASP D 119 11.90 35.64 -1.55
C ASP D 119 11.96 36.93 -0.74
N LEU D 120 12.75 36.92 0.34
CA LEU D 120 12.76 38.03 1.30
C LEU D 120 13.74 39.13 0.93
N GLN D 121 13.33 40.37 1.10
CA GLN D 121 14.29 41.45 0.83
C GLN D 121 15.30 41.37 1.97
N GLU D 122 16.55 41.00 1.63
CA GLU D 122 17.66 40.84 2.61
C GLU D 122 17.81 42.11 3.44
N LEU D 123 18.51 41.98 4.55
CA LEU D 123 18.87 43.05 5.49
C LEU D 123 20.39 43.16 5.53
N GLY D 124 20.93 44.30 5.11
CA GLY D 124 22.36 44.54 5.03
C GLY D 124 23.21 44.03 6.19
N GLY D 132 5.52 51.87 19.97
CA GLY D 132 5.39 52.61 18.72
C GLY D 132 5.45 51.72 17.48
N THR D 133 6.37 52.06 16.57
CA THR D 133 6.49 51.34 15.30
C THR D 133 7.03 49.94 15.51
N GLN D 134 8.00 49.77 16.41
CA GLN D 134 8.56 48.45 16.66
C GLN D 134 7.57 47.52 17.37
N ASN D 135 6.56 48.08 18.05
CA ASN D 135 5.55 47.22 18.66
C ASN D 135 4.59 46.66 17.64
N VAL D 136 4.32 47.41 16.57
CA VAL D 136 3.45 46.95 15.49
C VAL D 136 4.16 45.85 14.71
N LEU D 137 5.43 46.05 14.39
CA LEU D 137 6.22 45.02 13.74
C LEU D 137 6.24 43.74 14.56
N TYR D 138 6.40 43.87 15.88
CA TYR D 138 6.39 42.73 16.78
C TYR D 138 5.03 42.02 16.80
N GLU D 139 3.95 42.80 16.88
CA GLU D 139 2.63 42.20 16.90
C GLU D 139 2.26 41.58 15.55
N ASN D 140 2.75 42.16 14.46
CA ASN D 140 2.52 41.57 13.15
C ASN D 140 3.26 40.25 12.98
N GLN D 141 4.51 40.16 13.45
CA GLN D 141 5.23 38.89 13.34
C GLN D 141 4.49 37.78 14.08
N LYS D 142 3.87 38.09 15.22
CA LYS D 142 3.10 37.10 15.96
C LYS D 142 1.88 36.65 15.16
N LEU D 143 1.20 37.60 14.53
CA LEU D 143 0.02 37.28 13.73
C LEU D 143 0.39 36.36 12.57
N ILE D 144 1.50 36.63 11.91
CA ILE D 144 1.93 35.81 10.79
C ILE D 144 2.17 34.37 11.23
N ALA D 145 2.90 34.16 12.33
CA ALA D 145 3.18 32.79 12.77
C ALA D 145 1.89 32.07 13.18
N ASN D 146 1.04 32.75 13.97
CA ASN D 146 -0.18 32.12 14.46
C ASN D 146 -1.13 31.73 13.33
N GLN D 147 -1.25 32.60 12.32
CA GLN D 147 -2.13 32.30 11.21
C GLN D 147 -1.53 31.21 10.34
N PHE D 148 -0.23 31.30 10.07
CA PHE D 148 0.44 30.27 9.29
C PHE D 148 0.29 28.90 9.94
N ASN D 149 0.49 28.83 11.25
CA ASN D 149 0.43 27.56 11.97
C ASN D 149 -0.95 26.97 11.93
N SER D 150 -1.96 27.81 12.06
CA SER D 150 -3.33 27.27 12.00
C SER D 150 -3.66 26.74 10.62
N ALA D 151 -3.24 27.44 9.58
CA ALA D 151 -3.53 26.99 8.22
C ALA D 151 -2.83 25.66 7.97
N ILE D 152 -1.60 25.55 8.40
CA ILE D 152 -0.84 24.29 8.18
C ILE D 152 -1.54 23.15 8.89
N GLY D 153 -2.01 23.37 10.10
CA GLY D 153 -2.73 22.30 10.78
C GLY D 153 -3.97 21.97 10.03
N LYS D 154 -4.71 22.95 9.58
CA LYS D 154 -5.94 22.67 8.84
C LYS D 154 -5.62 21.92 7.57
N ILE D 155 -4.58 22.28 6.85
CA ILE D 155 -4.25 21.61 5.57
C ILE D 155 -3.83 20.16 5.81
N GLN D 156 -3.10 19.91 6.88
CA GLN D 156 -2.61 18.56 7.25
C GLN D 156 -3.80 17.65 7.53
N ASP D 157 -4.80 18.17 8.21
CA ASP D 157 -6.02 17.43 8.57
C ASP D 157 -6.79 17.08 7.29
N SER D 158 -6.87 18.03 6.38
CA SER D 158 -7.54 17.91 5.08
C SER D 158 -6.88 16.82 4.25
N LEU D 159 -5.56 16.82 4.22
CA LEU D 159 -4.79 15.84 3.43
C LEU D 159 -4.96 14.47 4.06
N SER D 160 -5.05 14.39 5.38
CA SER D 160 -5.26 13.13 6.11
C SER D 160 -6.61 12.55 5.71
N SER D 161 -7.64 13.37 5.66
CA SER D 161 -8.99 12.93 5.29
C SER D 161 -8.97 12.44 3.84
N THR D 162 -8.27 13.17 3.00
CA THR D 162 -8.20 12.83 1.56
C THR D 162 -7.55 11.48 1.40
N ALA D 163 -6.46 11.26 2.11
CA ALA D 163 -5.67 10.02 2.03
C ALA D 163 -6.51 8.87 2.53
N SER D 164 -7.26 9.08 3.58
CA SER D 164 -8.10 8.03 4.18
C SER D 164 -9.18 7.64 3.18
N ALA D 165 -9.82 8.62 2.57
CA ALA D 165 -10.92 8.40 1.61
C ALA D 165 -10.42 7.69 0.37
N LEU D 166 -9.25 8.06 -0.11
CA LEU D 166 -8.71 7.47 -1.32
C LEU D 166 -8.42 5.98 -1.13
N GLY D 167 -7.94 5.61 0.07
CA GLY D 167 -7.72 4.20 0.36
C GLY D 167 -9.02 3.41 0.46
N LYS D 168 -10.04 4.01 1.07
CA LYS D 168 -11.32 3.35 1.14
C LYS D 168 -11.96 3.16 -0.23
N LEU D 169 -11.82 4.13 -1.12
CA LEU D 169 -12.36 3.99 -2.49
C LEU D 169 -11.62 2.88 -3.23
N GLN D 170 -10.31 2.80 -3.05
CA GLN D 170 -9.53 1.74 -3.72
C GLN D 170 -9.99 0.37 -3.20
N ASP D 171 -10.23 0.26 -1.92
CA ASP D 171 -10.60 -1.03 -1.33
C ASP D 171 -11.87 -1.54 -1.97
N VAL D 172 -12.91 -0.72 -2.02
CA VAL D 172 -14.23 -1.14 -2.55
C VAL D 172 -14.16 -1.42 -4.05
N VAL D 173 -13.45 -0.58 -4.78
CA VAL D 173 -13.33 -0.74 -6.25
C VAL D 173 -12.57 -2.03 -6.57
N ASN D 174 -11.57 -2.32 -5.77
CA ASN D 174 -10.79 -3.55 -5.95
C ASN D 174 -11.66 -4.75 -5.62
N GLN D 175 -12.44 -4.67 -4.56
CA GLN D 175 -13.31 -5.81 -4.23
C GLN D 175 -14.36 -6.00 -5.31
N ASN D 176 -15.00 -4.93 -5.75
CA ASN D 176 -16.05 -5.05 -6.79
C ASN D 176 -15.45 -5.53 -8.10
N ALA D 177 -14.24 -5.12 -8.42
CA ALA D 177 -13.59 -5.59 -9.66
C ALA D 177 -13.41 -7.10 -9.60
N GLN D 178 -13.00 -7.62 -8.44
CA GLN D 178 -12.85 -9.08 -8.26
C GLN D 178 -14.24 -9.72 -8.33
N ALA D 179 -15.22 -9.10 -7.71
CA ALA D 179 -16.55 -9.74 -7.74
C ALA D 179 -17.03 -9.86 -9.18
N LEU D 180 -16.83 -8.82 -9.98
CA LEU D 180 -17.26 -8.82 -11.39
C LEU D 180 -16.46 -9.85 -12.16
N ASN D 181 -15.15 -9.89 -11.93
CA ASN D 181 -14.32 -10.86 -12.67
C ASN D 181 -14.74 -12.26 -12.31
N THR D 182 -15.00 -12.54 -11.04
CA THR D 182 -15.42 -13.90 -10.68
C THR D 182 -16.78 -14.21 -11.30
N LEU D 183 -17.68 -13.24 -11.34
CA LEU D 183 -18.98 -13.53 -11.94
C LEU D 183 -18.79 -13.87 -13.42
N VAL D 184 -17.89 -13.17 -14.08
CA VAL D 184 -17.67 -13.43 -15.50
C VAL D 184 -17.17 -14.84 -15.72
N LYS D 185 -16.26 -15.32 -14.86
CA LYS D 185 -15.65 -16.62 -15.08
C LYS D 185 -16.65 -17.73 -14.73
N GLN D 186 -17.53 -17.47 -13.76
CA GLN D 186 -18.60 -18.40 -13.46
C GLN D 186 -19.65 -18.41 -14.55
N LEU D 187 -19.92 -17.24 -15.14
CA LEU D 187 -20.93 -17.13 -16.18
C LEU D 187 -20.54 -17.93 -17.41
N SER D 188 -19.24 -17.93 -17.75
CA SER D 188 -18.77 -18.72 -18.88
C SER D 188 -18.98 -20.22 -18.63
N SER D 189 -18.82 -20.66 -17.37
CA SER D 189 -19.06 -22.06 -17.04
C SER D 189 -20.54 -22.38 -17.07
N ASN D 190 -21.37 -21.51 -16.52
CA ASN D 190 -22.81 -21.78 -16.50
C ASN D 190 -23.30 -21.87 -17.95
N PHE D 191 -22.96 -20.89 -18.78
CA PHE D 191 -23.39 -20.86 -20.19
C PHE D 191 -22.80 -22.06 -20.92
N GLY D 192 -21.57 -22.43 -20.64
CA GLY D 192 -20.97 -23.61 -21.29
C GLY D 192 -21.79 -24.84 -20.97
N ALA D 193 -22.20 -24.99 -19.72
CA ALA D 193 -23.01 -26.14 -19.30
C ALA D 193 -24.32 -26.08 -20.08
N ILE D 194 -24.91 -24.91 -20.18
CA ILE D 194 -26.19 -24.73 -20.91
C ILE D 194 -26.00 -25.18 -22.35
N SER D 195 -24.91 -24.77 -22.98
CA SER D 195 -24.68 -25.09 -24.40
C SER D 195 -24.61 -26.60 -24.52
N SER D 196 -23.73 -27.25 -23.75
CA SER D 196 -23.61 -28.73 -23.81
C SER D 196 -24.96 -29.40 -23.60
N VAL D 197 -25.71 -29.00 -22.59
CA VAL D 197 -27.00 -29.69 -22.36
C VAL D 197 -27.90 -29.49 -23.57
N LEU D 198 -27.98 -28.27 -24.08
CA LEU D 198 -28.88 -28.01 -25.24
C LEU D 198 -28.41 -28.89 -26.39
N ASN D 199 -27.11 -28.97 -26.59
CA ASN D 199 -26.55 -29.80 -27.69
C ASN D 199 -27.00 -31.23 -27.44
N ASP D 200 -26.98 -31.74 -26.22
CA ASP D 200 -27.41 -33.12 -25.97
C ASP D 200 -28.88 -33.24 -26.33
N ILE D 201 -29.72 -32.26 -26.03
CA ILE D 201 -31.16 -32.47 -26.34
C ILE D 201 -31.37 -32.25 -27.85
N LEU D 202 -30.62 -31.36 -28.49
CA LEU D 202 -30.78 -31.08 -29.94
C LEU D 202 -30.32 -32.30 -30.73
N SER D 203 -29.19 -32.88 -30.38
CA SER D 203 -28.71 -34.08 -31.11
C SER D 203 -29.70 -35.23 -30.88
N ARG D 204 -30.20 -35.37 -29.65
CA ARG D 204 -31.17 -36.41 -29.31
C ARG D 204 -32.47 -36.23 -30.08
N LEU D 205 -32.90 -34.98 -30.28
CA LEU D 205 -34.15 -34.71 -31.02
C LEU D 205 -33.99 -35.18 -32.46
N ASP D 206 -32.77 -35.55 -32.85
CA ASP D 206 -32.44 -36.00 -34.22
C ASP D 206 -32.67 -37.51 -34.33
N LYS D 207 -33.07 -38.14 -33.22
CA LYS D 207 -33.41 -39.58 -33.22
C LYS D 207 -34.91 -39.69 -32.89
#